data_1SQ5
#
_entry.id   1SQ5
#
_cell.length_a   181.203
_cell.length_b   181.655
_cell.length_c   47.418
_cell.angle_alpha   90.00
_cell.angle_beta   104.79
_cell.angle_gamma   90.00
#
_symmetry.space_group_name_H-M   'C 1 2 1'
#
loop_
_entity.id
_entity.type
_entity.pdbx_description
1 polymer 'Pantothenate kinase'
2 non-polymer 'PANTOTHENOIC ACID'
3 non-polymer "ADENOSINE-5'-DIPHOSPHATE"
4 water water
#
_entity_poly.entity_id   1
_entity_poly.type   'polypeptide(L)'
_entity_poly.pdbx_seq_one_letter_code
;MTPYLQFDRNQWAALRDSVPMTLSEDEIARLKGINEDLSLEEVAEIYLPLSRLLNFYISSNLRRQAVLEQFLGTNGQRIP
YIISIAGSVAVGKSTTARVLQALLSRWPEHRRVELITTDGFLHPNQVLKERGLMKKKGFPESYDMHRLVKFVSDLKSGVP
NVTAPVYSHLIYDVIPDGDKTVVQPDILILEGLNVLQSGMDYPHDPHHVFVSDFVDFSIYVDAPEDLLQTWYINRFLKFR
EGAFTDPDSYFHNYAKLTKEEAIKTAMTLWKEINWLNLKQNILPTRERASLILTKSANHAVEEVRLRK
;
_entity_poly.pdbx_strand_id   A,B,C,D
#
loop_
_chem_comp.id
_chem_comp.type
_chem_comp.name
_chem_comp.formula
ADP non-polymer ADENOSINE-5'-DIPHOSPHATE 'C10 H15 N5 O10 P2'
PAU peptide-like 'PANTOTHENOIC ACID' 'C9 H17 N O5'
#
# COMPACT_ATOMS: atom_id res chain seq x y z
N MET A 1 3.79 3.38 -36.28
CA MET A 1 4.96 3.10 -35.40
C MET A 1 4.70 3.71 -34.02
N THR A 2 5.49 3.29 -33.04
CA THR A 2 5.34 3.82 -31.68
C THR A 2 6.68 4.32 -31.15
N PRO A 3 6.65 5.08 -30.06
CA PRO A 3 7.85 5.64 -29.43
C PRO A 3 8.72 4.56 -28.78
N TYR A 4 8.35 3.30 -28.97
CA TYR A 4 9.08 2.21 -28.34
C TYR A 4 9.70 1.15 -29.23
N LEU A 5 10.91 0.70 -28.85
CA LEU A 5 11.57 -0.39 -29.53
C LEU A 5 10.93 -1.57 -28.83
N GLN A 6 10.67 -2.67 -29.54
CA GLN A 6 10.03 -3.80 -28.89
C GLN A 6 10.83 -5.10 -28.99
N PHE A 7 10.84 -5.86 -27.91
CA PHE A 7 11.56 -7.14 -27.88
C PHE A 7 10.74 -8.21 -27.18
N ASP A 8 10.56 -9.37 -27.81
CA ASP A 8 9.84 -10.45 -27.16
C ASP A 8 10.90 -11.12 -26.31
N ARG A 9 10.52 -12.09 -25.49
CA ARG A 9 11.50 -12.74 -24.63
C ARG A 9 12.78 -13.21 -25.31
N ASN A 10 12.65 -13.94 -26.41
CA ASN A 10 13.82 -14.45 -27.11
C ASN A 10 14.74 -13.36 -27.63
N GLN A 11 14.16 -12.34 -28.23
CA GLN A 11 14.94 -11.23 -28.75
C GLN A 11 15.71 -10.59 -27.60
N TRP A 12 15.00 -10.34 -26.50
CA TRP A 12 15.63 -9.72 -25.34
C TRP A 12 16.72 -10.59 -24.73
N ALA A 13 16.47 -11.89 -24.62
CA ALA A 13 17.47 -12.78 -24.04
C ALA A 13 18.69 -12.90 -24.98
N ALA A 14 18.45 -12.71 -26.28
CA ALA A 14 19.51 -12.80 -27.28
C ALA A 14 20.59 -11.75 -27.06
N LEU A 15 20.24 -10.68 -26.35
CA LEU A 15 21.17 -9.60 -26.06
C LEU A 15 22.43 -10.02 -25.30
N ARG A 16 22.33 -11.10 -24.53
CA ARG A 16 23.47 -11.61 -23.78
C ARG A 16 24.58 -12.04 -24.74
N ASP A 17 25.80 -12.15 -24.23
CA ASP A 17 26.93 -12.57 -25.06
C ASP A 17 26.95 -14.07 -25.32
N MET A 21 26.95 -13.34 -18.38
CA MET A 21 27.90 -12.78 -17.44
C MET A 21 28.18 -13.77 -16.31
N LEU A 23 26.83 -15.24 -12.65
CA LEU A 23 26.63 -14.83 -11.25
C LEU A 23 27.43 -15.75 -10.32
N SER A 24 27.99 -15.17 -9.26
CA SER A 24 28.79 -15.93 -8.31
C SER A 24 27.93 -16.66 -7.28
N GLU A 25 28.59 -17.37 -6.38
CA GLU A 25 27.89 -18.12 -5.34
C GLU A 25 27.21 -17.15 -4.37
N ASP A 26 27.92 -16.08 -4.03
CA ASP A 26 27.39 -15.07 -3.11
C ASP A 26 26.20 -14.38 -3.77
N GLU A 27 26.36 -14.02 -5.03
CA GLU A 27 25.31 -13.32 -5.78
C GLU A 27 24.05 -14.14 -5.98
N ILE A 28 24.18 -15.44 -6.19
CA ILE A 28 23.02 -16.30 -6.40
C ILE A 28 22.26 -16.48 -5.08
N ALA A 29 23.00 -16.52 -3.99
CA ALA A 29 22.40 -16.68 -2.67
C ALA A 29 21.68 -15.40 -2.28
N ARG A 30 22.22 -14.26 -2.71
CA ARG A 30 21.63 -12.97 -2.39
C ARG A 30 20.31 -12.80 -3.14
N LEU A 31 20.27 -13.26 -4.38
CA LEU A 31 19.07 -13.18 -5.19
C LEU A 31 17.96 -14.07 -4.63
N LYS A 32 18.35 -15.25 -4.12
CA LYS A 32 17.36 -16.14 -3.55
C LYS A 32 16.89 -15.55 -2.22
N GLY A 33 17.82 -14.89 -1.52
CA GLY A 33 17.46 -14.27 -0.26
C GLY A 33 16.44 -13.16 -0.51
N ILE A 34 16.51 -12.56 -1.69
CA ILE A 34 15.60 -11.50 -2.08
C ILE A 34 14.19 -12.07 -2.25
N ASN A 35 14.07 -13.16 -3.01
CA ASN A 35 12.78 -13.79 -3.25
C ASN A 35 13.02 -15.26 -3.62
N GLU A 36 12.70 -16.15 -2.68
CA GLU A 36 12.90 -17.59 -2.88
C GLU A 36 12.21 -18.12 -4.12
N ASP A 37 11.20 -17.40 -4.62
CA ASP A 37 10.47 -17.83 -5.81
C ASP A 37 11.05 -17.24 -7.08
N LEU A 38 12.10 -16.42 -6.96
CA LEU A 38 12.72 -15.81 -8.13
C LEU A 38 13.54 -16.83 -8.92
N SER A 39 13.20 -16.97 -10.20
CA SER A 39 13.86 -17.91 -11.10
C SER A 39 15.26 -17.44 -11.53
N LEU A 40 16.26 -18.29 -11.31
CA LEU A 40 17.63 -17.95 -11.68
C LEU A 40 17.79 -17.82 -13.19
N GLU A 41 16.98 -18.57 -13.93
CA GLU A 41 17.02 -18.52 -15.38
C GLU A 41 16.39 -17.22 -15.85
N GLU A 42 15.37 -16.76 -15.13
CA GLU A 42 14.69 -15.51 -15.44
C GLU A 42 15.72 -14.39 -15.23
N VAL A 43 16.45 -14.46 -14.13
CA VAL A 43 17.46 -13.45 -13.82
C VAL A 43 18.51 -13.40 -14.91
N ALA A 44 19.02 -14.58 -15.28
CA ALA A 44 20.04 -14.66 -16.31
C ALA A 44 19.60 -14.20 -17.70
N GLU A 45 18.35 -14.49 -18.08
CA GLU A 45 17.87 -14.11 -19.40
C GLU A 45 17.17 -12.76 -19.49
N ILE A 46 16.65 -12.26 -18.38
CA ILE A 46 15.94 -10.98 -18.41
C ILE A 46 16.59 -9.85 -17.63
N TYR A 47 16.80 -10.05 -16.33
CA TYR A 47 17.36 -9.02 -15.49
C TYR A 47 18.83 -8.68 -15.65
N LEU A 48 19.68 -9.63 -16.02
CA LEU A 48 21.09 -9.31 -16.21
C LEU A 48 21.18 -8.36 -17.41
N PRO A 49 20.53 -8.70 -18.53
CA PRO A 49 20.57 -7.84 -19.71
C PRO A 49 19.98 -6.46 -19.40
N LEU A 50 18.93 -6.43 -18.57
CA LEU A 50 18.29 -5.18 -18.18
C LEU A 50 19.27 -4.33 -17.35
N SER A 51 20.04 -4.97 -16.48
CA SER A 51 20.99 -4.24 -15.67
C SER A 51 22.11 -3.71 -16.56
N ARG A 52 22.43 -4.46 -17.62
CA ARG A 52 23.47 -4.01 -18.55
C ARG A 52 22.96 -2.76 -19.26
N LEU A 53 21.72 -2.83 -19.75
CA LEU A 53 21.12 -1.69 -20.44
C LEU A 53 21.16 -0.44 -19.55
N LEU A 54 20.73 -0.59 -18.30
CA LEU A 54 20.73 0.51 -17.37
C LEU A 54 22.13 1.08 -17.19
N ASN A 55 23.13 0.19 -17.09
CA ASN A 55 24.51 0.62 -16.92
C ASN A 55 24.96 1.47 -18.10
N PHE A 56 24.51 1.14 -19.31
CA PHE A 56 24.88 1.93 -20.47
C PHE A 56 24.33 3.36 -20.33
N TYR A 57 23.09 3.49 -19.86
CA TYR A 57 22.50 4.81 -19.70
C TYR A 57 23.24 5.56 -18.59
N ILE A 58 23.57 4.87 -17.51
CA ILE A 58 24.26 5.47 -16.39
C ILE A 58 25.66 5.91 -16.79
N SER A 59 26.38 5.03 -17.48
CA SER A 59 27.74 5.33 -17.94
C SER A 59 27.70 6.55 -18.83
N SER A 60 26.79 6.52 -19.81
CA SER A 60 26.66 7.65 -20.72
C SER A 60 26.47 8.94 -19.94
N ASN A 61 25.66 8.88 -18.89
CA ASN A 61 25.37 10.04 -18.06
C ASN A 61 26.64 10.51 -17.33
N LEU A 62 27.39 9.57 -16.78
CA LEU A 62 28.63 9.91 -16.09
C LEU A 62 29.65 10.56 -16.99
N ARG A 63 29.81 10.02 -18.21
CA ARG A 63 30.78 10.57 -19.14
C ARG A 63 30.35 11.98 -19.57
N ARG A 64 29.06 12.15 -19.81
CA ARG A 64 28.51 13.44 -20.21
C ARG A 64 28.91 14.46 -19.14
N GLN A 65 28.63 14.08 -17.89
CA GLN A 65 28.92 14.91 -16.73
C GLN A 65 30.37 15.41 -16.73
N ALA A 66 31.30 14.50 -16.98
CA ALA A 66 32.72 14.87 -17.00
C ALA A 66 32.99 15.90 -18.12
N VAL A 67 32.44 15.65 -19.30
CA VAL A 67 32.63 16.57 -20.42
C VAL A 67 32.07 17.94 -20.08
N LEU A 68 30.90 17.95 -19.45
CA LEU A 68 30.26 19.22 -19.10
C LEU A 68 30.99 19.90 -17.95
N GLU A 69 31.57 19.12 -17.06
CA GLU A 69 32.28 19.68 -15.93
C GLU A 69 33.48 20.48 -16.40
N GLN A 70 34.14 19.97 -17.43
CA GLN A 70 35.29 20.63 -18.01
C GLN A 70 34.85 21.93 -18.70
N PHE A 71 33.80 21.84 -19.52
CA PHE A 71 33.27 22.98 -20.24
C PHE A 71 32.73 24.08 -19.33
N LEU A 72 31.92 23.69 -18.35
CA LEU A 72 31.30 24.61 -17.42
C LEU A 72 32.23 25.06 -16.31
N GLY A 73 33.36 24.36 -16.18
CA GLY A 73 34.32 24.70 -15.14
C GLY A 73 33.80 24.58 -13.72
N THR A 74 32.82 23.71 -13.50
CA THR A 74 32.28 23.52 -12.15
C THR A 74 33.17 22.62 -11.31
N ASN A 75 32.77 22.42 -10.06
CA ASN A 75 33.52 21.58 -9.13
C ASN A 75 32.81 20.25 -8.87
N GLN A 77 30.26 18.72 -8.36
CA GLN A 77 29.39 18.08 -7.38
C GLN A 77 28.79 16.80 -7.94
N ARG A 78 28.68 15.76 -7.10
CA ARG A 78 28.12 14.50 -7.53
C ARG A 78 26.61 14.48 -7.29
N ILE A 79 25.86 14.12 -8.31
CA ILE A 79 24.40 14.03 -8.23
C ILE A 79 23.99 12.60 -8.57
N PRO A 80 23.20 11.97 -7.69
CA PRO A 80 22.73 10.59 -7.88
C PRO A 80 21.94 10.37 -9.15
N TYR A 81 22.20 9.25 -9.82
CA TYR A 81 21.46 8.88 -11.01
C TYR A 81 20.21 8.25 -10.39
N ILE A 82 19.03 8.59 -10.88
CA ILE A 82 17.83 8.03 -10.27
C ILE A 82 16.96 7.21 -11.20
N ILE A 83 16.60 6.02 -10.75
CA ILE A 83 15.76 5.09 -11.50
C ILE A 83 14.47 4.83 -10.72
N SER A 84 13.33 5.02 -11.37
CA SER A 84 12.05 4.78 -10.70
C SER A 84 11.40 3.55 -11.31
N ILE A 85 10.57 2.87 -10.52
CA ILE A 85 9.88 1.68 -10.95
C ILE A 85 8.42 1.78 -10.56
N ALA A 86 7.55 1.81 -11.58
CA ALA A 86 6.12 1.94 -11.39
C ALA A 86 5.36 0.68 -11.79
N GLY A 87 4.05 0.71 -11.56
CA GLY A 87 3.22 -0.43 -11.87
C GLY A 87 2.20 -0.73 -10.79
N SER A 88 1.28 -1.62 -11.12
CA SER A 88 0.22 -2.04 -10.20
C SER A 88 0.71 -2.61 -8.90
N VAL A 89 -0.14 -2.52 -7.88
CA VAL A 89 0.18 -3.09 -6.59
C VAL A 89 0.28 -4.59 -6.90
N ALA A 90 1.30 -5.23 -6.34
CA ALA A 90 1.52 -6.66 -6.51
C ALA A 90 2.05 -7.11 -7.87
N VAL A 91 2.49 -6.19 -8.72
CA VAL A 91 3.00 -6.63 -10.02
C VAL A 91 4.43 -7.15 -9.89
N GLY A 92 5.12 -6.72 -8.83
CA GLY A 92 6.49 -7.16 -8.60
C GLY A 92 7.53 -6.05 -8.60
N LYS A 93 7.11 -4.83 -8.26
CA LYS A 93 8.02 -3.69 -8.22
C LYS A 93 9.12 -3.87 -7.20
N SER A 94 8.73 -4.29 -6.00
CA SER A 94 9.70 -4.47 -4.93
C SER A 94 10.74 -5.53 -5.26
N THR A 95 10.31 -6.62 -5.85
CA THR A 95 11.24 -7.68 -6.24
C THR A 95 12.15 -7.18 -7.37
N THR A 96 11.56 -6.54 -8.37
CA THR A 96 12.32 -6.03 -9.51
C THR A 96 13.38 -5.02 -9.03
N ALA A 97 12.96 -4.10 -8.17
CA ALA A 97 13.87 -3.09 -7.63
C ALA A 97 15.05 -3.72 -6.92
N ARG A 98 14.76 -4.63 -5.99
CA ARG A 98 15.80 -5.28 -5.21
C ARG A 98 16.74 -6.12 -6.08
N VAL A 99 16.19 -6.74 -7.12
CA VAL A 99 17.02 -7.54 -8.02
C VAL A 99 17.97 -6.57 -8.75
N LEU A 100 17.42 -5.48 -9.28
CA LEU A 100 18.22 -4.48 -10.00
C LEU A 100 19.25 -3.84 -9.09
N GLN A 101 18.91 -3.65 -7.82
CA GLN A 101 19.85 -3.05 -6.88
C GLN A 101 21.07 -3.97 -6.73
N ALA A 102 20.80 -5.26 -6.62
CA ALA A 102 21.84 -6.27 -6.47
C ALA A 102 22.71 -6.35 -7.73
N LEU A 103 22.08 -6.44 -8.90
CA LEU A 103 22.85 -6.53 -10.14
C LEU A 103 23.67 -5.27 -10.46
N LEU A 104 23.08 -4.09 -10.27
CA LEU A 104 23.81 -2.86 -10.57
C LEU A 104 25.03 -2.71 -9.68
N SER A 105 25.02 -3.41 -8.54
CA SER A 105 26.14 -3.35 -7.60
C SER A 105 27.37 -4.08 -8.14
N ARG A 106 27.19 -4.86 -9.21
CA ARG A 106 28.29 -5.60 -9.81
C ARG A 106 29.39 -4.71 -10.41
N TRP A 107 29.01 -3.53 -10.88
CA TRP A 107 29.97 -2.61 -11.47
C TRP A 107 30.70 -1.84 -10.37
N PRO A 108 32.03 -1.76 -10.48
CA PRO A 108 32.86 -1.05 -9.50
C PRO A 108 32.44 0.40 -9.32
N GLU A 109 31.88 1.00 -10.38
CA GLU A 109 31.44 2.39 -10.34
C GLU A 109 30.22 2.62 -9.46
N HIS A 110 29.31 1.64 -9.42
CA HIS A 110 28.11 1.79 -8.61
C HIS A 110 28.33 1.24 -7.21
N ARG A 111 29.24 1.90 -6.48
CA ARG A 111 29.56 1.50 -5.12
C ARG A 111 28.37 1.60 -4.17
N ARG A 112 27.49 2.55 -4.43
CA ARG A 112 26.34 2.71 -3.55
C ARG A 112 25.02 2.83 -4.30
N VAL A 113 24.19 1.80 -4.14
CA VAL A 113 22.89 1.74 -4.78
C VAL A 113 21.83 1.70 -3.69
N GLU A 114 21.08 2.78 -3.58
CA GLU A 114 20.04 2.93 -2.57
C GLU A 114 18.66 2.60 -3.12
N LEU A 115 17.78 2.12 -2.24
CA LEU A 115 16.42 1.79 -2.65
C LEU A 115 15.43 2.44 -1.70
N ILE A 116 14.52 3.25 -2.23
CA ILE A 116 13.51 3.92 -1.43
C ILE A 116 12.15 3.63 -2.05
N THR A 117 11.15 3.28 -1.24
CA THR A 117 9.84 3.01 -1.78
C THR A 117 8.96 4.21 -1.44
N THR A 118 7.94 4.46 -2.25
CA THR A 118 7.07 5.60 -1.98
C THR A 118 6.05 5.33 -0.88
N ASP A 119 5.92 4.06 -0.49
CA ASP A 119 4.98 3.66 0.57
C ASP A 119 5.18 4.55 1.78
N GLY A 120 6.43 4.81 2.11
CA GLY A 120 6.75 5.63 3.27
C GLY A 120 6.18 7.03 3.26
N PHE A 121 5.97 7.58 2.07
CA PHE A 121 5.42 8.93 1.94
C PHE A 121 3.89 8.99 2.02
N LEU A 122 3.27 7.87 2.37
CA LEU A 122 1.81 7.86 2.52
C LEU A 122 1.52 8.65 3.79
N HIS A 123 0.32 9.22 3.89
CA HIS A 123 -0.05 9.93 5.10
C HIS A 123 -0.26 8.85 6.16
N PRO A 124 0.20 9.09 7.40
CA PRO A 124 0.01 8.08 8.45
C PRO A 124 -1.47 7.72 8.58
N ASN A 125 -1.77 6.55 9.14
CA ASN A 125 -3.16 6.13 9.28
C ASN A 125 -4.00 7.16 10.05
N GLN A 126 -3.40 7.81 11.04
CA GLN A 126 -4.11 8.82 11.82
C GLN A 126 -4.68 9.87 10.87
N VAL A 127 -3.80 10.43 10.06
CA VAL A 127 -4.20 11.45 9.10
C VAL A 127 -5.16 10.90 8.06
N LEU A 128 -4.95 9.68 7.57
CA LEU A 128 -5.89 9.14 6.57
C LEU A 128 -7.30 8.96 7.14
N LYS A 129 -7.39 8.49 8.37
CA LYS A 129 -8.67 8.28 9.03
C LYS A 129 -9.41 9.61 9.09
N GLU A 130 -8.68 10.66 9.47
CA GLU A 130 -9.24 12.00 9.56
C GLU A 130 -9.88 12.43 8.23
N ARG A 131 -9.21 12.11 7.13
CA ARG A 131 -9.70 12.48 5.83
C ARG A 131 -10.63 11.45 5.22
N GLY A 132 -10.87 10.37 5.98
CA GLY A 132 -11.74 9.32 5.47
C GLY A 132 -11.12 8.61 4.29
N LEU A 133 -9.81 8.44 4.34
CA LEU A 133 -9.07 7.79 3.25
C LEU A 133 -8.41 6.47 3.67
N MET A 134 -8.88 5.86 4.75
CA MET A 134 -8.29 4.61 5.22
C MET A 134 -8.56 3.44 4.27
N LYS A 135 -9.50 3.64 3.34
CA LYS A 135 -9.83 2.61 2.35
C LYS A 135 -9.32 3.08 0.99
N LYS A 136 -8.41 4.04 1.00
CA LYS A 136 -7.86 4.58 -0.22
C LYS A 136 -6.34 4.62 -0.26
N LYS A 137 -5.68 3.75 0.50
CA LYS A 137 -4.23 3.73 0.48
C LYS A 137 -3.76 3.39 -0.94
N GLY A 138 -2.85 4.21 -1.46
CA GLY A 138 -2.34 3.99 -2.80
C GLY A 138 -2.88 5.03 -3.78
N PHE A 139 -4.01 5.62 -3.43
CA PHE A 139 -4.62 6.64 -4.28
C PHE A 139 -3.87 7.93 -4.04
N PRO A 140 -3.88 8.84 -5.03
CA PRO A 140 -3.18 10.13 -4.93
C PRO A 140 -3.37 10.88 -3.62
N GLU A 141 -4.61 11.02 -3.19
CA GLU A 141 -4.89 11.75 -1.96
C GLU A 141 -4.33 11.14 -0.67
N SER A 142 -3.89 9.89 -0.73
CA SER A 142 -3.33 9.24 0.47
C SER A 142 -1.84 9.50 0.62
N TYR A 143 -1.25 10.17 -0.36
CA TYR A 143 0.18 10.45 -0.34
C TYR A 143 0.52 11.89 0.00
N ASP A 144 1.64 12.06 0.68
CA ASP A 144 2.15 13.38 1.01
C ASP A 144 3.09 13.62 -0.17
N MET A 145 2.50 13.86 -1.34
CA MET A 145 3.25 14.07 -2.57
C MET A 145 4.28 15.17 -2.58
N HIS A 146 3.96 16.31 -1.97
CA HIS A 146 4.91 17.42 -1.94
C HIS A 146 6.20 16.97 -1.29
N ARG A 147 6.08 16.11 -0.29
CA ARG A 147 7.26 15.63 0.39
C ARG A 147 8.06 14.67 -0.50
N LEU A 148 7.37 13.83 -1.26
CA LEU A 148 8.05 12.89 -2.15
C LEU A 148 8.81 13.66 -3.23
N VAL A 149 8.15 14.68 -3.78
CA VAL A 149 8.76 15.51 -4.80
C VAL A 149 10.02 16.19 -4.26
N LYS A 150 9.91 16.74 -3.05
CA LYS A 150 11.05 17.42 -2.45
C LYS A 150 12.21 16.45 -2.18
N PHE A 151 11.88 15.18 -1.93
CA PHE A 151 12.91 14.18 -1.65
C PHE A 151 13.82 14.01 -2.87
N VAL A 152 13.23 13.71 -4.02
CA VAL A 152 14.04 13.54 -5.23
C VAL A 152 14.61 14.88 -5.68
N SER A 153 13.88 15.96 -5.40
CA SER A 153 14.37 17.29 -5.77
C SER A 153 15.66 17.59 -4.99
N ASP A 154 15.67 17.32 -3.69
CA ASP A 154 16.85 17.56 -2.86
C ASP A 154 18.03 16.71 -3.35
N LEU A 155 17.76 15.44 -3.69
CA LEU A 155 18.80 14.55 -4.17
C LEU A 155 19.40 15.12 -5.45
N LYS A 156 18.52 15.61 -6.32
CA LYS A 156 18.96 16.18 -7.58
C LYS A 156 19.49 17.60 -7.43
N SER A 157 19.54 18.08 -6.19
CA SER A 157 20.06 19.42 -5.91
C SER A 157 21.46 19.27 -5.35
N GLY A 158 21.83 18.02 -5.04
CA GLY A 158 23.14 17.76 -4.51
C GLY A 158 23.20 17.71 -2.99
N VAL A 159 22.04 17.75 -2.33
CA VAL A 159 22.02 17.69 -0.87
C VAL A 159 22.68 16.38 -0.43
N PRO A 160 23.75 16.47 0.35
CA PRO A 160 24.50 15.31 0.84
C PRO A 160 23.69 14.21 1.53
N ASN A 161 22.91 14.57 2.54
CA ASN A 161 22.10 13.57 3.24
C ASN A 161 20.63 13.94 3.16
N VAL A 162 19.82 13.01 2.67
CA VAL A 162 18.40 13.23 2.54
C VAL A 162 17.65 12.17 3.33
N THR A 163 16.60 12.57 4.01
CA THR A 163 15.83 11.64 4.83
C THR A 163 14.47 11.30 4.22
N ALA A 164 14.07 10.05 4.36
CA ALA A 164 12.78 9.58 3.83
C ALA A 164 12.01 8.84 4.90
N PRO A 165 10.68 9.03 4.93
CA PRO A 165 9.87 8.33 5.92
C PRO A 165 9.82 6.86 5.53
N VAL A 166 9.54 5.99 6.47
CA VAL A 166 9.47 4.56 6.19
C VAL A 166 8.13 3.96 6.59
N TYR A 167 7.61 3.07 5.74
CA TYR A 167 6.34 2.41 5.94
C TYR A 167 6.57 0.96 6.31
N SER A 168 5.68 0.41 7.12
CA SER A 168 5.78 -0.98 7.56
C SER A 168 4.51 -1.75 7.24
N HIS A 169 4.57 -2.70 6.30
CA HIS A 169 3.38 -3.48 5.97
C HIS A 169 3.04 -4.39 7.15
N LEU A 170 3.97 -4.50 8.09
CA LEU A 170 3.78 -5.33 9.28
C LEU A 170 2.80 -4.66 10.22
N ILE A 171 2.90 -3.34 10.35
CA ILE A 171 1.98 -2.61 11.21
C ILE A 171 0.97 -1.86 10.37
N TYR A 172 1.14 -1.94 9.05
CA TYR A 172 0.23 -1.29 8.12
C TYR A 172 0.15 0.21 8.36
N ASP A 173 1.28 0.84 8.62
CA ASP A 173 1.29 2.28 8.86
C ASP A 173 2.71 2.84 8.76
N VAL A 174 2.81 4.16 8.70
CA VAL A 174 4.12 4.78 8.63
C VAL A 174 4.73 4.61 10.02
N ILE A 175 6.03 4.35 10.08
CA ILE A 175 6.72 4.18 11.36
C ILE A 175 7.07 5.55 11.92
N PRO A 176 6.42 5.94 13.04
CA PRO A 176 6.63 7.24 13.70
C PRO A 176 8.05 7.83 13.68
N ASP A 177 9.01 7.14 14.30
CA ASP A 177 10.38 7.66 14.33
C ASP A 177 11.36 6.72 13.63
N GLY A 178 11.01 6.29 12.42
CA GLY A 178 11.88 5.38 11.69
C GLY A 178 12.44 5.91 10.38
N ASP A 179 12.41 7.22 10.18
CA ASP A 179 12.92 7.83 8.96
C ASP A 179 14.31 7.35 8.59
N LYS A 180 14.49 7.01 7.32
CA LYS A 180 15.75 6.50 6.80
C LYS A 180 16.59 7.62 6.16
N THR A 181 17.89 7.64 6.46
CA THR A 181 18.78 8.66 5.90
C THR A 181 19.66 8.14 4.76
N VAL A 182 19.43 8.70 3.57
CA VAL A 182 20.18 8.34 2.37
C VAL A 182 21.44 9.21 2.26
N VAL A 183 22.61 8.58 2.18
CA VAL A 183 23.85 9.33 2.09
C VAL A 183 24.52 9.23 0.71
N PRO A 185 24.35 8.51 -2.44
CA PRO A 185 24.35 7.38 -3.37
C PRO A 185 24.75 7.71 -4.80
N ASP A 186 25.30 6.69 -5.47
CA ASP A 186 25.67 6.83 -6.87
C ASP A 186 24.39 6.62 -7.66
N ILE A 187 23.57 5.71 -7.18
CA ILE A 187 22.31 5.39 -7.83
C ILE A 187 21.20 5.26 -6.79
N LEU A 188 20.04 5.79 -7.10
CA LEU A 188 18.91 5.67 -6.20
C LEU A 188 17.75 5.05 -6.98
N ILE A 189 17.22 3.95 -6.46
CA ILE A 189 16.08 3.30 -7.09
C ILE A 189 14.86 3.71 -6.29
N LEU A 190 13.92 4.38 -6.95
CA LEU A 190 12.68 4.83 -6.32
C LEU A 190 11.56 3.95 -6.83
N GLU A 191 11.03 3.13 -5.93
CA GLU A 191 9.97 2.19 -6.28
C GLU A 191 8.60 2.61 -5.71
N GLY A 192 7.60 2.67 -6.58
CA GLY A 192 6.26 3.06 -6.15
C GLY A 192 5.27 3.10 -7.29
N LEU A 193 4.02 2.80 -7.00
CA LEU A 193 2.98 2.79 -8.02
C LEU A 193 2.71 4.18 -8.61
N ASN A 194 3.12 5.21 -7.91
CA ASN A 194 2.85 6.59 -8.36
C ASN A 194 4.03 7.41 -8.89
N VAL A 195 5.17 6.79 -9.14
CA VAL A 195 6.33 7.55 -9.61
C VAL A 195 6.19 8.23 -10.96
N LEU A 196 5.18 7.84 -11.74
CA LEU A 196 4.97 8.44 -13.05
C LEU A 196 3.81 9.43 -13.04
N GLN A 197 3.12 9.52 -11.91
CA GLN A 197 2.00 10.44 -11.80
C GLN A 197 2.50 11.87 -11.75
N SER A 198 1.59 12.83 -11.88
CA SER A 198 1.94 14.24 -11.90
C SER A 198 0.88 15.13 -11.28
N GLY A 199 0.97 16.43 -11.54
CA GLY A 199 0.02 17.38 -10.99
C GLY A 199 -1.44 17.09 -11.28
N MET A 200 -1.73 16.60 -12.49
CA MET A 200 -3.10 16.30 -12.88
C MET A 200 -3.73 15.23 -11.98
N ASP A 201 -2.90 14.45 -11.32
CA ASP A 201 -3.40 13.40 -10.43
C ASP A 201 -3.70 13.92 -9.04
N TYR A 202 -3.33 15.18 -8.78
CA TYR A 202 -3.58 15.77 -7.47
C TYR A 202 -4.28 17.12 -7.59
N PRO A 203 -5.46 17.13 -8.23
CA PRO A 203 -6.22 18.38 -8.41
C PRO A 203 -6.57 19.04 -7.07
N HIS A 204 -6.65 18.22 -6.02
CA HIS A 204 -6.99 18.72 -4.69
C HIS A 204 -5.85 19.49 -4.04
N ASP A 205 -4.63 19.23 -4.51
CA ASP A 205 -3.42 19.88 -3.98
C ASP A 205 -2.33 19.72 -5.03
N PRO A 206 -2.41 20.49 -6.13
CA PRO A 206 -1.47 20.46 -7.24
C PRO A 206 0.00 20.87 -7.06
N HIS A 207 0.88 20.11 -7.73
CA HIS A 207 2.31 20.41 -7.72
C HIS A 207 2.65 20.64 -9.20
N HIS A 208 3.62 21.51 -9.47
CA HIS A 208 3.97 21.85 -10.83
C HIS A 208 5.26 21.30 -11.39
N VAL A 209 6.02 20.60 -10.55
CA VAL A 209 7.24 19.96 -10.97
C VAL A 209 7.01 18.54 -10.48
N PHE A 210 7.12 17.57 -11.39
CA PHE A 210 6.83 16.19 -11.02
C PHE A 210 8.02 15.32 -10.63
N VAL A 211 7.72 14.18 -10.03
CA VAL A 211 8.74 13.23 -9.62
C VAL A 211 9.60 12.89 -10.84
N SER A 212 8.95 12.64 -11.98
CA SER A 212 9.63 12.28 -13.20
C SER A 212 10.64 13.34 -13.65
N ASP A 213 10.41 14.58 -13.24
CA ASP A 213 11.32 15.68 -13.60
C ASP A 213 12.65 15.55 -12.88
N PHE A 214 12.73 14.64 -11.91
CA PHE A 214 13.96 14.41 -11.16
C PHE A 214 14.41 12.95 -11.27
N VAL A 215 13.84 12.24 -12.25
CA VAL A 215 14.19 10.84 -12.48
C VAL A 215 14.87 10.70 -13.84
N ASP A 216 15.98 9.97 -13.87
CA ASP A 216 16.73 9.77 -15.11
C ASP A 216 16.16 8.66 -15.98
N PHE A 217 15.79 7.54 -15.36
CA PHE A 217 15.23 6.42 -16.12
C PHE A 217 14.02 5.84 -15.37
N SER A 218 12.94 5.58 -16.08
CA SER A 218 11.76 5.02 -15.43
C SER A 218 11.31 3.70 -16.08
N ILE A 219 10.94 2.75 -15.23
CA ILE A 219 10.49 1.44 -15.66
C ILE A 219 9.08 1.19 -15.16
N TYR A 220 8.21 0.70 -16.04
CA TYR A 220 6.85 0.39 -15.63
C TYR A 220 6.69 -1.13 -15.76
N VAL A 221 6.48 -1.82 -14.63
CA VAL A 221 6.29 -3.26 -14.65
C VAL A 221 4.81 -3.48 -14.96
N ASP A 222 4.53 -4.23 -16.02
CA ASP A 222 3.17 -4.45 -16.50
C ASP A 222 2.73 -5.91 -16.50
N ALA A 223 1.44 -6.14 -16.24
CA ALA A 223 0.87 -7.49 -16.23
C ALA A 223 -0.65 -7.44 -16.28
N PRO A 224 -1.29 -8.49 -16.79
CA PRO A 224 -2.76 -8.58 -16.91
C PRO A 224 -3.43 -8.58 -15.54
N GLU A 225 -4.65 -8.08 -15.50
CA GLU A 225 -5.43 -8.02 -14.26
C GLU A 225 -5.61 -9.39 -13.60
N ASP A 226 -5.85 -10.43 -14.41
CA ASP A 226 -6.05 -11.76 -13.87
C ASP A 226 -4.81 -12.29 -13.13
N LEU A 227 -3.63 -11.96 -13.63
CA LEU A 227 -2.39 -12.41 -12.99
C LEU A 227 -2.11 -11.56 -11.74
N LEU A 228 -2.39 -10.26 -11.83
CA LEU A 228 -2.16 -9.36 -10.71
C LEU A 228 -3.01 -9.80 -9.52
N GLN A 229 -4.25 -10.17 -9.79
CA GLN A 229 -5.17 -10.60 -8.73
C GLN A 229 -4.62 -11.85 -8.03
N THR A 230 -4.18 -12.82 -8.81
CA THR A 230 -3.61 -14.04 -8.26
C THR A 230 -2.38 -13.75 -7.39
N TRP A 231 -1.47 -12.93 -7.92
CA TRP A 231 -0.26 -12.60 -7.19
C TRP A 231 -0.58 -11.85 -5.91
N TYR A 232 -1.56 -10.95 -5.97
CA TYR A 232 -1.98 -10.17 -4.81
C TYR A 232 -2.51 -11.10 -3.71
N ILE A 233 -3.44 -11.97 -4.10
CA ILE A 233 -4.04 -12.91 -3.16
C ILE A 233 -3.01 -13.84 -2.54
N ASN A 234 -2.17 -14.45 -3.37
CA ASN A 234 -1.14 -15.35 -2.85
C ASN A 234 -0.19 -14.65 -1.91
N ARG A 235 0.09 -13.37 -2.16
CA ARG A 235 0.99 -12.62 -1.27
C ARG A 235 0.24 -12.38 0.03
N PHE A 236 -1.06 -12.11 -0.09
CA PHE A 236 -1.91 -11.88 1.08
C PHE A 236 -1.90 -13.11 1.98
N LEU A 237 -2.13 -14.27 1.37
CA LEU A 237 -2.15 -15.52 2.13
C LEU A 237 -0.84 -15.75 2.88
N LYS A 238 0.28 -15.43 2.24
CA LYS A 238 1.59 -15.61 2.87
C LYS A 238 1.71 -14.71 4.09
N PHE A 239 1.26 -13.47 3.96
CA PHE A 239 1.29 -12.52 5.06
C PHE A 239 0.40 -13.02 6.20
N ARG A 240 -0.77 -13.54 5.86
CA ARG A 240 -1.68 -14.04 6.87
C ARG A 240 -1.03 -15.19 7.64
N GLU A 241 -0.56 -16.20 6.90
CA GLU A 241 0.10 -17.36 7.51
C GLU A 241 1.23 -16.90 8.43
N GLY A 242 1.98 -15.90 7.98
CA GLY A 242 3.09 -15.40 8.77
C GLY A 242 2.71 -14.61 10.00
N ALA A 243 1.41 -14.46 10.26
CA ALA A 243 0.96 -13.71 11.42
C ALA A 243 0.18 -14.56 12.41
N PHE A 244 0.12 -15.86 12.16
CA PHE A 244 -0.61 -16.79 13.02
C PHE A 244 -0.21 -16.74 14.50
N THR A 245 1.06 -16.50 14.78
CA THR A 245 1.52 -16.44 16.17
C THR A 245 2.08 -15.06 16.55
N ASP A 246 1.61 -14.03 15.86
CA ASP A 246 2.07 -12.69 16.15
C ASP A 246 0.91 -11.70 16.25
N PRO A 247 0.29 -11.63 17.44
CA PRO A 247 -0.84 -10.73 17.67
C PRO A 247 -0.51 -9.24 17.52
N ASP A 248 0.77 -8.93 17.28
CA ASP A 248 1.17 -7.54 17.08
C ASP A 248 1.20 -7.24 15.59
N SER A 249 1.05 -8.28 14.79
CA SER A 249 1.04 -8.13 13.35
C SER A 249 -0.34 -7.69 12.89
N TYR A 250 -0.39 -6.75 11.96
CA TYR A 250 -1.66 -6.27 11.43
C TYR A 250 -2.45 -7.42 10.81
N PHE A 251 -1.74 -8.31 10.12
CA PHE A 251 -2.39 -9.46 9.48
C PHE A 251 -2.92 -10.52 10.43
N HIS A 252 -2.61 -10.39 11.72
CA HIS A 252 -3.11 -11.36 12.67
C HIS A 252 -4.64 -11.28 12.71
N ASN A 253 -5.17 -10.13 12.29
CA ASN A 253 -6.62 -9.91 12.23
C ASN A 253 -7.28 -10.83 11.20
N TYR A 254 -6.50 -11.29 10.21
CA TYR A 254 -7.05 -12.17 9.19
C TYR A 254 -6.91 -13.64 9.53
N ALA A 255 -6.16 -13.93 10.59
CA ALA A 255 -6.01 -15.33 11.01
C ALA A 255 -7.31 -15.83 11.65
N LYS A 256 -8.14 -14.90 12.14
CA LYS A 256 -9.43 -15.25 12.77
C LYS A 256 -10.44 -15.72 11.72
N LEU A 257 -10.18 -15.38 10.47
CA LEU A 257 -11.05 -15.77 9.38
C LEU A 257 -10.62 -17.11 8.82
N THR A 258 -11.56 -17.85 8.25
CA THR A 258 -11.21 -19.13 7.67
C THR A 258 -10.41 -18.78 6.40
N LYS A 259 -9.61 -19.72 5.92
CA LYS A 259 -8.83 -19.47 4.72
C LYS A 259 -9.74 -18.99 3.59
N GLU A 260 -10.88 -19.66 3.43
CA GLU A 260 -11.84 -19.32 2.38
C GLU A 260 -12.36 -17.90 2.48
N GLU A 261 -12.74 -17.46 3.68
CA GLU A 261 -13.24 -16.10 3.80
C GLU A 261 -12.09 -15.09 3.69
N ALA A 262 -10.88 -15.52 4.05
CA ALA A 262 -9.71 -14.65 3.95
C ALA A 262 -9.40 -14.39 2.47
N ILE A 263 -9.55 -15.44 1.65
CA ILE A 263 -9.31 -15.28 0.23
C ILE A 263 -10.33 -14.31 -0.37
N LYS A 264 -11.60 -14.40 0.04
CA LYS A 264 -12.61 -13.50 -0.48
C LYS A 264 -12.36 -12.08 -0.01
N THR A 265 -11.86 -11.94 1.21
CA THR A 265 -11.55 -10.63 1.75
C THR A 265 -10.45 -10.00 0.91
N ALA A 266 -9.40 -10.78 0.65
CA ALA A 266 -8.28 -10.31 -0.16
C ALA A 266 -8.76 -9.93 -1.55
N MET A 267 -9.63 -10.77 -2.10
CA MET A 267 -10.16 -10.55 -3.43
C MET A 267 -10.94 -9.24 -3.50
N THR A 268 -11.65 -8.92 -2.42
CA THR A 268 -12.42 -7.69 -2.36
C THR A 268 -11.46 -6.50 -2.23
N LEU A 269 -10.40 -6.65 -1.44
CA LEU A 269 -9.41 -5.56 -1.28
C LEU A 269 -8.81 -5.24 -2.64
N TRP A 270 -8.57 -6.29 -3.42
CA TRP A 270 -7.99 -6.13 -4.74
C TRP A 270 -8.91 -5.45 -5.75
N LYS A 271 -10.13 -5.94 -5.87
CA LYS A 271 -11.08 -5.39 -6.82
C LYS A 271 -11.57 -3.98 -6.52
N GLU A 272 -11.94 -3.72 -5.28
CA GLU A 272 -12.47 -2.42 -4.91
C GLU A 272 -11.42 -1.33 -4.63
N ILE A 273 -10.21 -1.73 -4.25
CA ILE A 273 -9.19 -0.74 -3.96
C ILE A 273 -8.01 -0.72 -4.93
N ASN A 274 -7.19 -1.76 -4.93
CA ASN A 274 -6.02 -1.78 -5.81
C ASN A 274 -6.27 -1.80 -7.30
N TRP A 275 -7.25 -2.58 -7.75
CA TRP A 275 -7.55 -2.65 -9.16
C TRP A 275 -8.16 -1.35 -9.65
N LEU A 276 -9.00 -0.74 -8.81
CA LEU A 276 -9.64 0.51 -9.17
C LEU A 276 -8.55 1.56 -9.29
N ASN A 277 -7.60 1.50 -8.37
CA ASN A 277 -6.48 2.43 -8.38
C ASN A 277 -5.67 2.25 -9.66
N LEU A 278 -5.49 0.99 -10.07
CA LEU A 278 -4.73 0.69 -11.28
C LEU A 278 -5.37 1.33 -12.50
N LYS A 279 -6.68 1.11 -12.67
CA LYS A 279 -7.41 1.66 -13.80
C LYS A 279 -7.52 3.17 -13.84
N GLN A 280 -7.81 3.77 -12.69
CA GLN A 280 -7.97 5.23 -12.66
C GLN A 280 -6.69 6.04 -12.54
N ASN A 281 -5.68 5.51 -11.86
CA ASN A 281 -4.46 6.30 -11.63
C ASN A 281 -3.11 5.76 -12.05
N ILE A 282 -2.95 4.44 -12.04
CA ILE A 282 -1.66 3.85 -12.37
C ILE A 282 -1.44 3.52 -13.83
N LEU A 283 -2.31 2.70 -14.40
CA LEU A 283 -2.18 2.29 -15.79
C LEU A 283 -2.04 3.44 -16.79
N PRO A 284 -2.75 4.56 -16.56
CA PRO A 284 -2.66 5.68 -17.50
C PRO A 284 -1.28 6.33 -17.60
N THR A 285 -0.43 6.10 -16.61
CA THR A 285 0.91 6.68 -16.60
C THR A 285 1.94 5.78 -17.28
N ARG A 286 1.50 4.59 -17.70
CA ARG A 286 2.42 3.65 -18.33
C ARG A 286 3.25 4.15 -19.51
N GLU A 287 2.63 4.90 -20.42
CA GLU A 287 3.37 5.40 -21.58
C GLU A 287 4.35 6.52 -21.28
N ARG A 288 4.48 6.90 -20.01
CA ARG A 288 5.45 7.92 -19.65
C ARG A 288 6.77 7.27 -19.24
N ALA A 289 6.79 5.93 -19.18
CA ALA A 289 8.00 5.22 -18.76
C ALA A 289 9.06 5.09 -19.85
N SER A 290 10.32 5.03 -19.43
CA SER A 290 11.42 4.87 -20.36
C SER A 290 11.38 3.45 -20.87
N LEU A 291 11.00 2.52 -19.99
CA LEU A 291 10.94 1.11 -20.34
C LEU A 291 9.77 0.40 -19.70
N ILE A 292 9.09 -0.43 -20.49
CA ILE A 292 7.95 -1.20 -20.01
C ILE A 292 8.32 -2.68 -19.97
N LEU A 293 8.15 -3.28 -18.80
CA LEU A 293 8.44 -4.70 -18.55
C LEU A 293 7.12 -5.45 -18.44
N THR A 294 6.74 -6.18 -19.48
CA THR A 294 5.48 -6.93 -19.46
C THR A 294 5.69 -8.36 -18.96
N LYS A 295 5.02 -8.67 -17.86
CA LYS A 295 5.11 -10.00 -17.23
C LYS A 295 3.97 -10.92 -17.66
N SER A 296 4.24 -12.22 -17.56
CA SER A 296 3.26 -13.23 -17.90
C SER A 296 3.13 -14.22 -16.75
N ALA A 297 2.49 -15.36 -17.01
CA ALA A 297 2.30 -16.38 -15.99
C ALA A 297 3.60 -16.65 -15.24
N ASN A 298 3.49 -16.98 -13.96
CA ASN A 298 4.66 -17.26 -13.14
C ASN A 298 5.69 -16.15 -13.13
N HIS A 299 5.23 -14.93 -13.43
CA HIS A 299 6.09 -13.75 -13.44
C HIS A 299 7.11 -13.68 -14.56
N ALA A 300 7.00 -14.58 -15.54
CA ALA A 300 7.95 -14.61 -16.64
C ALA A 300 7.76 -13.39 -17.53
N VAL A 301 8.85 -12.71 -17.84
CA VAL A 301 8.78 -11.54 -18.70
C VAL A 301 8.59 -12.03 -20.14
N GLU A 302 7.62 -11.46 -20.84
CA GLU A 302 7.34 -11.87 -22.22
C GLU A 302 7.62 -10.75 -23.23
N GLU A 303 7.75 -9.53 -22.74
CA GLU A 303 8.00 -8.40 -23.63
C GLU A 303 8.72 -7.26 -22.93
N VAL A 304 9.58 -6.58 -23.69
CA VAL A 304 10.31 -5.44 -23.18
C VAL A 304 10.24 -4.33 -24.20
N ARG A 305 9.76 -3.17 -23.79
CA ARG A 305 9.66 -2.02 -24.67
C ARG A 305 10.51 -0.87 -24.14
N LEU A 306 11.37 -0.34 -24.99
CA LEU A 306 12.28 0.74 -24.62
C LEU A 306 12.10 1.96 -25.53
N ARG A 307 11.99 3.14 -24.93
CA ARG A 307 11.82 4.37 -25.71
C ARG A 307 12.95 4.53 -26.71
N LYS A 308 12.59 4.84 -27.95
CA LYS A 308 13.56 5.03 -29.03
C LYS A 308 14.31 6.34 -28.78
N MET B 1 30.42 -56.10 7.55
CA MET B 1 29.95 -55.97 8.97
C MET B 1 29.84 -54.51 9.39
N THR B 2 29.23 -54.28 10.55
CA THR B 2 29.06 -52.94 11.06
C THR B 2 29.53 -52.92 12.51
N PRO B 3 29.72 -51.71 13.07
CA PRO B 3 30.17 -51.57 14.47
C PRO B 3 29.03 -51.85 15.46
N TYR B 4 27.90 -52.33 14.96
CA TYR B 4 26.75 -52.60 15.82
C TYR B 4 26.26 -54.04 15.86
N LEU B 5 25.78 -54.44 17.03
CA LEU B 5 25.18 -55.75 17.24
C LEU B 5 23.73 -55.42 16.90
N GLN B 6 22.99 -56.36 16.31
CA GLN B 6 21.61 -56.07 15.96
C GLN B 6 20.61 -57.04 16.57
N PHE B 7 19.47 -56.50 17.02
CA PHE B 7 18.41 -57.31 17.61
C PHE B 7 17.03 -56.87 17.12
N ASP B 8 16.22 -57.81 16.62
CA ASP B 8 14.87 -57.44 16.20
C ASP B 8 14.08 -57.49 17.50
N ARG B 9 12.82 -57.09 17.46
CA ARG B 9 12.02 -57.08 18.69
C ARG B 9 12.05 -58.36 19.51
N ASN B 10 11.83 -59.50 18.87
CA ASN B 10 11.83 -60.77 19.59
C ASN B 10 13.15 -61.09 20.28
N GLN B 11 14.26 -60.86 19.58
CA GLN B 11 15.58 -61.13 20.14
C GLN B 11 15.83 -60.24 21.36
N TRP B 12 15.46 -58.97 21.26
CA TRP B 12 15.64 -58.05 22.37
C TRP B 12 14.75 -58.43 23.54
N ALA B 13 13.48 -58.71 23.26
CA ALA B 13 12.55 -59.10 24.30
C ALA B 13 12.96 -60.40 24.96
N ALA B 14 13.66 -61.25 24.21
CA ALA B 14 14.13 -62.52 24.72
C ALA B 14 15.26 -62.36 25.74
N LEU B 15 15.64 -61.12 26.02
CA LEU B 15 16.72 -60.87 26.97
C LEU B 15 16.28 -61.00 28.42
N ARG B 16 14.98 -61.10 28.65
CA ARG B 16 14.46 -61.25 30.00
C ARG B 16 14.59 -62.71 30.45
N LEU B 23 7.27 -55.18 37.87
CA LEU B 23 6.97 -53.79 38.22
C LEU B 23 5.82 -53.68 39.23
N SER B 24 6.03 -52.85 40.25
CA SER B 24 5.03 -52.65 41.30
C SER B 24 3.90 -51.74 40.82
N GLU B 25 2.76 -51.83 41.50
CA GLU B 25 1.59 -51.03 41.16
C GLU B 25 1.95 -49.55 41.07
N ASP B 26 2.78 -49.08 41.99
CA ASP B 26 3.17 -47.68 41.99
C ASP B 26 4.08 -47.37 40.81
N GLU B 27 4.89 -48.35 40.42
CA GLU B 27 5.80 -48.17 39.30
C GLU B 27 5.00 -48.06 38.01
N ILE B 28 4.00 -48.91 37.87
CA ILE B 28 3.16 -48.90 36.67
C ILE B 28 2.37 -47.61 36.61
N ALA B 29 1.95 -47.12 37.77
CA ALA B 29 1.19 -45.89 37.83
C ALA B 29 2.05 -44.72 37.37
N ARG B 30 3.31 -44.71 37.85
CA ARG B 30 4.24 -43.66 37.49
C ARG B 30 4.47 -43.67 35.98
N LEU B 31 4.70 -44.86 35.44
CA LEU B 31 4.91 -44.98 34.01
C LEU B 31 3.70 -44.46 33.25
N LYS B 32 2.50 -44.88 33.67
CA LYS B 32 1.28 -44.43 33.03
C LYS B 32 1.18 -42.92 33.15
N GLY B 33 1.65 -42.40 34.28
CA GLY B 33 1.64 -40.96 34.51
C GLY B 33 2.58 -40.24 33.56
N ILE B 34 3.70 -40.89 33.22
CA ILE B 34 4.68 -40.31 32.29
C ILE B 34 4.04 -40.09 30.92
N ASN B 35 3.48 -41.15 30.35
CA ASN B 35 2.85 -41.08 29.04
C ASN B 35 1.68 -42.06 29.01
N GLU B 36 0.47 -41.52 29.03
CA GLU B 36 -0.73 -42.34 29.02
C GLU B 36 -0.82 -43.28 27.82
N ASP B 37 -0.16 -42.92 26.74
CA ASP B 37 -0.17 -43.74 25.53
C ASP B 37 0.91 -44.82 25.52
N LEU B 38 1.76 -44.82 26.54
CA LEU B 38 2.85 -45.79 26.65
C LEU B 38 2.35 -47.19 27.02
N SER B 39 2.60 -48.15 26.12
CA SER B 39 2.20 -49.54 26.31
C SER B 39 3.02 -50.22 27.39
N LEU B 40 2.34 -50.73 28.41
CA LEU B 40 3.00 -51.42 29.51
C LEU B 40 3.69 -52.69 29.02
N GLU B 41 3.24 -53.23 27.89
CA GLU B 41 3.87 -54.42 27.32
C GLU B 41 5.16 -53.97 26.64
N GLU B 42 5.14 -52.79 26.05
CA GLU B 42 6.31 -52.23 25.39
C GLU B 42 7.38 -52.01 26.47
N VAL B 43 6.95 -51.48 27.61
CA VAL B 43 7.87 -51.24 28.71
C VAL B 43 8.51 -52.55 29.16
N ALA B 44 7.68 -53.56 29.38
CA ALA B 44 8.17 -54.85 29.84
C ALA B 44 9.09 -55.56 28.85
N GLU B 45 8.80 -55.46 27.56
CA GLU B 45 9.61 -56.14 26.55
C GLU B 45 10.77 -55.35 25.98
N ILE B 46 10.70 -54.02 26.04
CA ILE B 46 11.76 -53.20 25.49
C ILE B 46 12.56 -52.38 26.48
N TYR B 47 11.87 -51.52 27.23
CA TYR B 47 12.55 -50.65 28.17
C TYR B 47 13.13 -51.25 29.44
N LEU B 48 12.53 -52.32 29.95
CA LEU B 48 13.10 -52.93 31.15
C LEU B 48 14.46 -53.53 30.78
N PRO B 49 14.51 -54.29 29.67
CA PRO B 49 15.79 -54.89 29.23
C PRO B 49 16.83 -53.80 28.94
N LEU B 50 16.36 -52.67 28.38
CA LEU B 50 17.23 -51.54 28.07
C LEU B 50 17.79 -50.95 29.36
N SER B 51 16.96 -50.85 30.40
CA SER B 51 17.42 -50.29 31.65
C SER B 51 18.42 -51.26 32.28
N ARG B 52 18.23 -52.57 32.05
CA ARG B 52 19.16 -53.55 32.60
C ARG B 52 20.51 -53.37 31.90
N LEU B 53 20.48 -53.27 30.57
CA LEU B 53 21.70 -53.08 29.81
C LEU B 53 22.47 -51.86 30.32
N LEU B 54 21.76 -50.76 30.47
CA LEU B 54 22.38 -49.53 30.96
C LEU B 54 23.00 -49.73 32.33
N ASN B 55 22.31 -50.47 33.19
CA ASN B 55 22.81 -50.73 34.53
C ASN B 55 24.12 -51.49 34.49
N PHE B 56 24.26 -52.40 33.52
CA PHE B 56 25.49 -53.17 33.39
C PHE B 56 26.65 -52.22 33.05
N TYR B 57 26.39 -51.26 32.16
CA TYR B 57 27.44 -50.31 31.79
C TYR B 57 27.78 -49.42 32.98
N ILE B 58 26.76 -49.00 33.71
CA ILE B 58 26.96 -48.14 34.87
C ILE B 58 27.70 -48.86 35.97
N SER B 59 27.30 -50.11 36.26
CA SER B 59 27.94 -50.92 37.28
C SER B 59 29.39 -51.10 36.93
N SER B 60 29.63 -51.48 35.68
CA SER B 60 31.00 -51.69 35.22
C SER B 60 31.83 -50.43 35.46
N ASN B 61 31.22 -49.28 35.23
CA ASN B 61 31.91 -48.00 35.40
C ASN B 61 32.20 -47.72 36.87
N LEU B 62 31.26 -48.05 37.75
CA LEU B 62 31.45 -47.82 39.19
C LEU B 62 32.54 -48.73 39.77
N ARG B 63 32.64 -49.95 39.25
CA ARG B 63 33.64 -50.89 39.74
C ARG B 63 35.04 -50.48 39.27
N ARG B 64 35.15 -50.04 38.03
CA ARG B 64 36.43 -49.62 37.50
C ARG B 64 36.90 -48.41 38.33
N GLN B 65 35.96 -47.53 38.64
CA GLN B 65 36.25 -46.33 39.43
C GLN B 65 36.81 -46.76 40.78
N ALA B 66 36.28 -47.84 41.34
CA ALA B 66 36.77 -48.33 42.62
C ALA B 66 38.21 -48.78 42.48
N VAL B 67 38.50 -49.56 41.44
CA VAL B 67 39.83 -50.07 41.18
C VAL B 67 40.83 -48.95 40.92
N LEU B 68 40.40 -47.96 40.14
CA LEU B 68 41.28 -46.84 39.84
C LEU B 68 41.52 -46.00 41.09
N GLU B 69 40.49 -45.84 41.92
CA GLU B 69 40.62 -45.03 43.12
C GLU B 69 41.72 -45.59 44.00
N GLN B 70 41.78 -46.91 44.09
CA GLN B 70 42.78 -47.58 44.90
C GLN B 70 44.17 -47.40 44.29
N PHE B 71 44.29 -47.63 42.99
CA PHE B 71 45.56 -47.49 42.30
C PHE B 71 46.07 -46.03 42.32
N LEU B 72 45.24 -45.13 41.81
CA LEU B 72 45.58 -43.71 41.74
C LEU B 72 45.66 -43.10 43.13
N GLY B 73 45.01 -43.73 44.10
CA GLY B 73 45.03 -43.21 45.45
C GLY B 73 44.41 -41.82 45.56
N THR B 74 43.34 -41.59 44.82
CA THR B 74 42.69 -40.28 44.85
C THR B 74 41.58 -40.23 45.91
N ASN B 75 41.09 -39.02 46.16
CA ASN B 75 40.03 -38.82 47.13
C ASN B 75 38.69 -39.23 46.51
N GLY B 76 37.61 -38.76 47.09
CA GLY B 76 36.30 -39.10 46.57
C GLY B 76 36.12 -38.69 45.11
N GLN B 77 35.52 -37.53 44.89
CA GLN B 77 35.26 -37.04 43.55
C GLN B 77 34.27 -37.99 42.87
N ARG B 78 33.00 -37.89 43.29
CA ARG B 78 31.94 -38.73 42.72
C ARG B 78 31.45 -38.07 41.44
N ILE B 79 31.86 -38.60 40.30
CA ILE B 79 31.47 -38.05 39.00
C ILE B 79 30.23 -38.78 38.49
N PRO B 80 29.19 -38.03 38.08
CA PRO B 80 27.95 -38.62 37.56
C PRO B 80 28.15 -39.38 36.25
N TYR B 81 27.39 -40.45 36.09
CA TYR B 81 27.44 -41.22 34.85
C TYR B 81 26.43 -40.47 34.01
N ILE B 82 26.80 -40.12 32.78
CA ILE B 82 25.89 -39.35 31.93
C ILE B 82 25.41 -40.13 30.70
N ILE B 83 24.09 -40.11 30.50
CA ILE B 83 23.46 -40.78 29.37
C ILE B 83 22.74 -39.73 28.53
N SER B 84 23.03 -39.67 27.23
CA SER B 84 22.37 -38.71 26.36
C SER B 84 21.39 -39.44 25.44
N ILE B 85 20.37 -38.73 24.99
CA ILE B 85 19.36 -39.31 24.12
C ILE B 85 19.09 -38.33 22.99
N ALA B 86 19.41 -38.76 21.77
CA ALA B 86 19.26 -37.94 20.58
C ALA B 86 18.16 -38.48 19.65
N GLY B 87 17.90 -37.72 18.59
CA GLY B 87 16.89 -38.10 17.63
C GLY B 87 16.04 -36.93 17.18
N SER B 88 15.22 -37.18 16.16
CA SER B 88 14.34 -36.18 15.60
C SER B 88 13.38 -35.56 16.59
N VAL B 89 12.94 -34.35 16.28
CA VAL B 89 11.94 -33.69 17.09
C VAL B 89 10.72 -34.60 16.96
N ALA B 90 10.05 -34.86 18.08
CA ALA B 90 8.85 -35.70 18.11
C ALA B 90 9.06 -37.21 17.95
N VAL B 91 10.30 -37.69 18.02
CA VAL B 91 10.50 -39.13 17.88
C VAL B 91 10.17 -39.84 19.19
N GLY B 92 10.23 -39.11 20.30
CA GLY B 92 9.94 -39.68 21.60
C GLY B 92 11.08 -39.66 22.60
N LYS B 93 12.00 -38.72 22.45
CA LYS B 93 13.15 -38.59 23.34
C LYS B 93 12.73 -38.30 24.77
N SER B 94 11.82 -37.34 24.93
CA SER B 94 11.35 -36.96 26.25
C SER B 94 10.68 -38.10 26.99
N THR B 95 9.85 -38.86 26.27
CA THR B 95 9.17 -40.01 26.88
C THR B 95 10.20 -41.09 27.22
N THR B 96 11.10 -41.36 26.29
CA THR B 96 12.14 -42.38 26.52
C THR B 96 13.01 -42.02 27.72
N ALA B 97 13.42 -40.76 27.78
CA ALA B 97 14.25 -40.29 28.89
C ALA B 97 13.57 -40.49 30.22
N ARG B 98 12.34 -40.00 30.32
CA ARG B 98 11.58 -40.11 31.56
C ARG B 98 11.30 -41.55 31.97
N VAL B 99 11.08 -42.42 30.98
CA VAL B 99 10.84 -43.82 31.28
C VAL B 99 12.13 -44.42 31.85
N LEU B 100 13.26 -44.13 31.20
CA LEU B 100 14.54 -44.63 31.65
C LEU B 100 14.92 -44.07 33.01
N GLN B 101 14.53 -42.83 33.28
CA GLN B 101 14.83 -42.21 34.57
C GLN B 101 14.10 -42.98 35.68
N ALA B 102 12.85 -43.33 35.41
CA ALA B 102 12.04 -44.08 36.36
C ALA B 102 12.58 -45.49 36.59
N LEU B 103 12.88 -46.20 35.51
CA LEU B 103 13.40 -47.56 35.62
C LEU B 103 14.78 -47.64 36.28
N LEU B 104 15.69 -46.74 35.91
CA LEU B 104 17.03 -46.77 36.50
C LEU B 104 16.98 -46.50 38.00
N SER B 105 15.88 -45.88 38.45
CA SER B 105 15.71 -45.57 39.87
C SER B 105 15.45 -46.84 40.70
N ARG B 106 15.14 -47.93 40.02
CA ARG B 106 14.86 -49.20 40.70
C ARG B 106 16.06 -49.76 41.47
N TRP B 107 17.27 -49.50 40.99
CA TRP B 107 18.47 -49.98 41.65
C TRP B 107 18.82 -49.09 42.83
N PRO B 108 19.14 -49.71 43.98
CA PRO B 108 19.49 -48.96 45.19
C PRO B 108 20.69 -48.03 44.96
N GLU B 109 21.57 -48.41 44.03
CA GLU B 109 22.75 -47.61 43.74
C GLU B 109 22.43 -46.28 43.07
N HIS B 110 21.36 -46.23 42.28
CA HIS B 110 21.00 -45.00 41.59
C HIS B 110 20.02 -44.13 42.38
N ARG B 111 20.53 -43.57 43.47
CA ARG B 111 19.74 -42.72 44.36
C ARG B 111 19.28 -41.44 43.66
N ARG B 112 20.13 -40.86 42.82
CA ARG B 112 19.78 -39.63 42.14
C ARG B 112 19.95 -39.71 40.63
N VAL B 113 18.83 -39.70 39.92
CA VAL B 113 18.81 -39.75 38.47
C VAL B 113 18.20 -38.46 37.98
N GLU B 114 19.03 -37.59 37.41
CA GLU B 114 18.56 -36.30 36.92
C GLU B 114 18.27 -36.29 35.43
N LEU B 115 17.33 -35.44 35.02
CA LEU B 115 16.98 -35.33 33.62
C LEU B 115 17.08 -33.88 33.18
N ILE B 116 17.88 -33.63 32.14
CA ILE B 116 18.05 -32.28 31.63
C ILE B 116 17.87 -32.31 30.11
N THR B 117 17.12 -31.37 29.58
CA THR B 117 16.89 -31.31 28.14
C THR B 117 17.71 -30.15 27.58
N THR B 118 18.10 -30.23 26.32
CA THR B 118 18.90 -29.16 25.74
C THR B 118 18.05 -27.97 25.28
N ASP B 119 16.73 -28.13 25.35
CA ASP B 119 15.81 -27.06 24.94
C ASP B 119 16.11 -25.80 25.72
N GLY B 120 16.51 -25.97 26.98
CA GLY B 120 16.82 -24.85 27.83
C GLY B 120 18.04 -24.05 27.42
N PHE B 121 18.91 -24.65 26.60
CA PHE B 121 20.12 -23.96 26.16
C PHE B 121 19.92 -23.16 24.87
N LEU B 122 18.72 -23.18 24.33
CA LEU B 122 18.43 -22.41 23.13
C LEU B 122 18.56 -20.94 23.55
N HIS B 123 18.90 -20.07 22.59
CA HIS B 123 19.00 -18.66 22.89
C HIS B 123 17.56 -18.19 23.12
N PRO B 124 17.35 -17.23 24.03
CA PRO B 124 15.98 -16.74 24.28
C PRO B 124 15.39 -16.17 22.99
N ASN B 125 14.07 -16.10 22.92
CA ASN B 125 13.40 -15.57 21.73
C ASN B 125 13.92 -14.18 21.36
N GLN B 126 14.26 -13.37 22.36
CA GLN B 126 14.75 -12.04 22.09
C GLN B 126 16.00 -12.11 21.20
N VAL B 127 16.92 -12.99 21.57
CA VAL B 127 18.17 -13.16 20.82
C VAL B 127 17.91 -13.77 19.45
N LEU B 128 17.10 -14.82 19.40
CA LEU B 128 16.81 -15.49 18.14
C LEU B 128 16.25 -14.52 17.11
N LYS B 129 15.33 -13.67 17.55
CA LYS B 129 14.68 -12.70 16.68
C LYS B 129 15.72 -11.71 16.14
N GLU B 130 16.60 -11.23 17.00
CA GLU B 130 17.64 -10.29 16.59
C GLU B 130 18.50 -10.93 15.50
N ARG B 131 18.78 -12.21 15.67
CA ARG B 131 19.61 -12.95 14.72
C ARG B 131 18.81 -13.57 13.59
N GLY B 132 17.53 -13.24 13.50
CA GLY B 132 16.68 -13.76 12.45
C GLY B 132 16.62 -15.28 12.43
N LEU B 133 16.52 -15.87 13.61
CA LEU B 133 16.49 -17.32 13.71
C LEU B 133 15.21 -17.84 14.39
N MET B 134 14.17 -17.01 14.45
CA MET B 134 12.94 -17.42 15.10
C MET B 134 12.23 -18.57 14.38
N LYS B 135 12.63 -18.83 13.14
CA LYS B 135 12.06 -19.93 12.36
C LYS B 135 13.11 -21.04 12.24
N LYS B 136 14.10 -20.99 13.12
CA LYS B 136 15.17 -21.97 13.11
C LYS B 136 15.44 -22.63 14.46
N LYS B 137 14.44 -22.66 15.33
CA LYS B 137 14.63 -23.31 16.63
C LYS B 137 14.96 -24.78 16.39
N GLY B 138 16.04 -25.24 17.02
CA GLY B 138 16.45 -26.62 16.86
C GLY B 138 17.69 -26.75 16.01
N PHE B 139 17.95 -25.73 15.19
CA PHE B 139 19.12 -25.75 14.35
C PHE B 139 20.30 -25.32 15.21
N PRO B 140 21.51 -25.71 14.81
CA PRO B 140 22.74 -25.38 15.55
C PRO B 140 22.85 -23.92 16.01
N GLU B 141 22.64 -23.00 15.09
CA GLU B 141 22.76 -21.59 15.41
C GLU B 141 21.78 -21.04 16.45
N SER B 142 20.72 -21.79 16.75
CA SER B 142 19.74 -21.35 17.73
C SER B 142 20.12 -21.75 19.14
N TYR B 143 21.21 -22.50 19.28
CA TYR B 143 21.65 -22.96 20.59
C TYR B 143 22.85 -22.20 21.13
N ASP B 144 22.89 -22.09 22.45
CA ASP B 144 24.03 -21.47 23.12
C ASP B 144 24.86 -22.70 23.46
N MET B 145 25.46 -23.30 22.43
CA MET B 145 26.25 -24.52 22.58
C MET B 145 27.41 -24.48 23.56
N HIS B 146 28.14 -23.38 23.60
CA HIS B 146 29.26 -23.28 24.52
C HIS B 146 28.77 -23.49 25.95
N ARG B 147 27.56 -23.01 26.23
CA ARG B 147 27.01 -23.16 27.57
C ARG B 147 26.63 -24.61 27.85
N LEU B 148 26.06 -25.29 26.85
CA LEU B 148 25.68 -26.69 27.01
C LEU B 148 26.92 -27.54 27.25
N VAL B 149 27.97 -27.26 26.47
CA VAL B 149 29.22 -28.00 26.63
C VAL B 149 29.79 -27.79 28.03
N LYS B 150 29.78 -26.56 28.50
CA LYS B 150 30.30 -26.26 29.83
C LYS B 150 29.50 -26.95 30.93
N PHE B 151 28.19 -27.12 30.69
CA PHE B 151 27.32 -27.77 31.66
C PHE B 151 27.79 -29.21 31.92
N VAL B 152 27.92 -30.01 30.88
CA VAL B 152 28.35 -31.39 31.06
C VAL B 152 29.83 -31.42 31.45
N SER B 153 30.60 -30.44 30.98
CA SER B 153 32.01 -30.38 31.33
C SER B 153 32.15 -30.17 32.85
N ASP B 154 31.36 -29.25 33.40
CA ASP B 154 31.40 -28.98 34.84
C ASP B 154 31.00 -30.21 35.64
N LEU B 155 29.96 -30.91 35.18
CA LEU B 155 29.51 -32.12 35.86
C LEU B 155 30.63 -33.15 35.85
N LYS B 156 31.30 -33.27 34.73
CA LYS B 156 32.39 -34.23 34.59
C LYS B 156 33.68 -33.72 35.22
N SER B 157 33.63 -32.54 35.83
CA SER B 157 34.79 -31.97 36.49
C SER B 157 34.62 -32.16 37.99
N GLY B 158 33.43 -32.60 38.39
CA GLY B 158 33.17 -32.83 39.80
C GLY B 158 32.51 -31.66 40.50
N VAL B 159 32.13 -30.62 39.75
CA VAL B 159 31.47 -29.47 40.35
C VAL B 159 30.20 -29.96 41.06
N PRO B 160 30.11 -29.73 42.38
CA PRO B 160 28.97 -30.15 43.20
C PRO B 160 27.59 -29.72 42.72
N ASN B 161 27.39 -28.43 42.48
CA ASN B 161 26.09 -27.95 42.01
C ASN B 161 26.24 -27.25 40.67
N VAL B 162 25.50 -27.71 39.69
CA VAL B 162 25.55 -27.11 38.36
C VAL B 162 24.16 -26.62 37.98
N THR B 163 24.10 -25.46 37.36
CA THR B 163 22.82 -24.88 36.97
C THR B 163 22.58 -24.94 35.47
N ALA B 164 21.33 -25.19 35.09
CA ALA B 164 20.95 -25.27 33.68
C ALA B 164 19.72 -24.41 33.40
N PRO B 165 19.72 -23.73 32.25
CA PRO B 165 18.56 -22.90 31.92
C PRO B 165 17.39 -23.82 31.61
N VAL B 166 16.17 -23.33 31.73
CA VAL B 166 14.99 -24.13 31.45
C VAL B 166 14.10 -23.49 30.39
N TYR B 167 13.57 -24.33 29.51
CA TYR B 167 12.71 -23.90 28.42
C TYR B 167 11.28 -24.33 28.71
N SER B 168 10.32 -23.53 28.23
CA SER B 168 8.90 -23.83 28.44
C SER B 168 8.17 -23.89 27.09
N HIS B 169 7.72 -25.08 26.71
CA HIS B 169 6.98 -25.20 25.46
C HIS B 169 5.65 -24.47 25.59
N LEU B 170 5.25 -24.20 26.83
CA LEU B 170 4.00 -23.50 27.11
C LEU B 170 4.11 -22.05 26.66
N ILE B 171 5.19 -21.39 27.04
CA ILE B 171 5.40 -20.01 26.63
C ILE B 171 6.27 -19.96 25.39
N TYR B 172 6.71 -21.14 24.95
CA TYR B 172 7.53 -21.24 23.75
C TYR B 172 8.78 -20.36 23.86
N ASP B 173 9.44 -20.40 25.02
CA ASP B 173 10.62 -19.59 25.21
C ASP B 173 11.39 -19.99 26.46
N VAL B 174 12.64 -19.53 26.55
CA VAL B 174 13.48 -19.81 27.70
C VAL B 174 12.92 -19.02 28.89
N ILE B 175 12.75 -19.70 30.02
CA ILE B 175 12.23 -19.05 31.23
C ILE B 175 13.33 -18.19 31.83
N PRO B 176 13.15 -16.86 31.80
CA PRO B 176 14.11 -15.87 32.33
C PRO B 176 14.78 -16.18 33.67
N ASP B 177 13.99 -16.33 34.73
CA ASP B 177 14.55 -16.61 36.05
C ASP B 177 14.04 -17.95 36.57
N GLY B 178 14.35 -19.02 35.84
CA GLY B 178 13.91 -20.34 36.26
C GLY B 178 14.96 -21.41 36.03
N ASP B 179 16.21 -21.07 36.30
CA ASP B 179 17.31 -22.02 36.10
C ASP B 179 17.24 -23.15 37.12
N LYS B 180 17.35 -24.38 36.62
CA LYS B 180 17.31 -25.58 37.45
C LYS B 180 18.71 -25.98 37.92
N THR B 181 18.85 -26.19 39.23
CA THR B 181 20.13 -26.58 39.81
C THR B 181 20.25 -28.08 40.04
N VAL B 182 21.28 -28.67 39.44
CA VAL B 182 21.55 -30.10 39.55
C VAL B 182 22.55 -30.35 40.67
N VAL B 183 22.18 -31.20 41.62
CA VAL B 183 23.05 -31.51 42.75
C VAL B 183 23.52 -32.97 42.81
N GLN B 184 24.82 -33.16 42.64
CA GLN B 184 25.46 -34.46 42.70
C GLN B 184 24.64 -35.65 42.22
N PRO B 185 24.15 -35.65 40.97
CA PRO B 185 23.38 -36.85 40.63
C PRO B 185 24.32 -38.03 40.39
N ASP B 186 23.80 -39.24 40.59
CA ASP B 186 24.58 -40.44 40.34
C ASP B 186 24.54 -40.67 38.83
N ILE B 187 23.40 -40.33 38.25
CA ILE B 187 23.19 -40.46 36.82
C ILE B 187 22.48 -39.23 36.28
N LEU B 188 22.95 -38.75 35.14
CA LEU B 188 22.30 -37.60 34.52
C LEU B 188 21.90 -38.01 33.10
N ILE B 189 20.62 -37.83 32.79
CA ILE B 189 20.14 -38.14 31.46
C ILE B 189 20.00 -36.80 30.74
N LEU B 190 20.74 -36.65 29.64
CA LEU B 190 20.73 -35.43 28.84
C LEU B 190 19.97 -35.73 27.54
N GLU B 191 18.80 -35.13 27.42
CA GLU B 191 17.95 -35.35 26.27
C GLU B 191 17.89 -34.15 25.33
N GLY B 192 18.17 -34.39 24.05
CA GLY B 192 18.14 -33.32 23.07
C GLY B 192 18.51 -33.81 21.67
N LEU B 193 17.95 -33.17 20.65
CA LEU B 193 18.21 -33.55 19.27
C LEU B 193 19.66 -33.33 18.86
N ASN B 194 20.37 -32.50 19.60
CA ASN B 194 21.75 -32.15 19.24
C ASN B 194 22.87 -32.74 20.10
N VAL B 195 22.57 -33.69 20.98
CA VAL B 195 23.61 -34.24 21.85
C VAL B 195 24.75 -34.98 21.18
N LEU B 196 24.57 -35.34 19.91
CA LEU B 196 25.62 -36.04 19.17
C LEU B 196 26.35 -35.12 18.19
N GLN B 197 25.89 -33.89 18.09
CA GLN B 197 26.52 -32.93 17.18
C GLN B 197 27.87 -32.51 17.73
N SER B 198 28.66 -31.83 16.91
CA SER B 198 29.99 -31.39 17.29
C SER B 198 30.38 -30.05 16.66
N GLY B 199 31.68 -29.76 16.70
CA GLY B 199 32.19 -28.52 16.16
C GLY B 199 31.83 -28.26 14.71
N MET B 200 31.84 -29.30 13.89
CA MET B 200 31.53 -29.17 12.47
C MET B 200 30.13 -28.62 12.25
N ASP B 201 29.26 -28.78 13.24
CA ASP B 201 27.88 -28.30 13.12
C ASP B 201 27.76 -26.84 13.50
N TYR B 202 28.83 -26.26 14.01
CA TYR B 202 28.80 -24.86 14.40
C TYR B 202 29.97 -24.10 13.81
N PRO B 203 30.07 -24.09 12.47
CA PRO B 203 31.15 -23.39 11.78
C PRO B 203 31.17 -21.89 12.09
N HIS B 204 29.99 -21.35 12.43
CA HIS B 204 29.87 -19.94 12.74
C HIS B 204 30.47 -19.58 14.11
N ASP B 205 30.60 -20.58 14.98
CA ASP B 205 31.13 -20.39 16.33
C ASP B 205 31.57 -21.76 16.84
N PRO B 206 32.69 -22.28 16.32
CA PRO B 206 33.25 -23.58 16.67
C PRO B 206 33.74 -23.88 18.08
N HIS B 207 33.45 -25.10 18.54
CA HIS B 207 33.92 -25.59 19.84
C HIS B 207 34.76 -26.81 19.51
N HIS B 208 35.80 -27.07 20.31
CA HIS B 208 36.71 -28.17 20.03
C HIS B 208 36.61 -29.41 20.91
N VAL B 209 35.77 -29.33 21.93
CA VAL B 209 35.52 -30.48 22.80
C VAL B 209 34.01 -30.58 22.74
N PHE B 210 33.51 -31.75 22.36
CA PHE B 210 32.07 -31.93 22.19
C PHE B 210 31.30 -32.48 23.39
N VAL B 211 29.98 -32.36 23.31
CA VAL B 211 29.10 -32.87 24.34
C VAL B 211 29.40 -34.36 24.55
N SER B 212 29.53 -35.09 23.44
CA SER B 212 29.81 -36.51 23.49
C SER B 212 31.08 -36.85 24.27
N ASP B 213 32.02 -35.91 24.31
CA ASP B 213 33.27 -36.12 25.03
C ASP B 213 33.05 -36.16 26.55
N PHE B 214 31.84 -35.79 26.99
CA PHE B 214 31.52 -35.81 28.41
C PHE B 214 30.29 -36.70 28.66
N VAL B 215 29.98 -37.55 27.68
CA VAL B 215 28.85 -38.47 27.81
C VAL B 215 29.36 -39.91 27.81
N ASP B 216 28.89 -40.71 28.77
CA ASP B 216 29.32 -42.10 28.86
C ASP B 216 28.58 -43.02 27.91
N PHE B 217 27.27 -42.84 27.77
CA PHE B 217 26.47 -43.70 26.89
C PHE B 217 25.47 -42.83 26.12
N SER B 218 25.38 -43.03 24.81
CA SER B 218 24.44 -42.26 24.01
C SER B 218 23.45 -43.15 23.26
N ILE B 219 22.20 -42.72 23.24
CA ILE B 219 21.12 -43.43 22.55
C ILE B 219 20.50 -42.53 21.49
N TYR B 220 20.28 -43.07 20.31
CA TYR B 220 19.63 -42.32 19.26
C TYR B 220 18.29 -43.00 18.97
N VAL B 221 17.19 -42.29 19.24
CA VAL B 221 15.86 -42.85 18.97
C VAL B 221 15.60 -42.56 17.50
N ASP B 222 15.29 -43.60 16.74
CA ASP B 222 15.09 -43.49 15.30
C ASP B 222 13.71 -43.92 14.82
N ALA B 223 13.22 -43.25 13.77
CA ALA B 223 11.91 -43.58 13.19
C ALA B 223 11.78 -42.96 11.80
N PRO B 224 10.93 -43.56 10.94
CA PRO B 224 10.70 -43.06 9.57
C PRO B 224 10.06 -41.68 9.57
N GLU B 225 10.31 -40.92 8.50
CA GLU B 225 9.76 -39.58 8.37
C GLU B 225 8.24 -39.55 8.42
N ASP B 226 7.59 -40.54 7.81
CA ASP B 226 6.13 -40.58 7.79
C ASP B 226 5.54 -40.75 9.18
N LEU B 227 6.22 -41.50 10.04
CA LEU B 227 5.73 -41.70 11.41
C LEU B 227 6.02 -40.46 12.26
N LEU B 228 7.19 -39.87 12.04
CA LEU B 228 7.58 -38.68 12.79
C LEU B 228 6.59 -37.54 12.53
N GLN B 229 6.17 -37.39 11.28
CA GLN B 229 5.23 -36.35 10.90
C GLN B 229 3.90 -36.53 11.64
N THR B 230 3.39 -37.76 11.63
CA THR B 230 2.14 -38.08 12.30
C THR B 230 2.23 -37.79 13.81
N TRP B 231 3.30 -38.25 14.44
CA TRP B 231 3.49 -38.03 15.87
C TRP B 231 3.61 -36.54 16.19
N TYR B 232 4.32 -35.80 15.32
CA TYR B 232 4.49 -34.37 15.51
C TYR B 232 3.13 -33.66 15.46
N ILE B 233 2.37 -33.95 14.41
CA ILE B 233 1.05 -33.34 14.22
C ILE B 233 0.11 -33.68 15.38
N ASN B 234 0.01 -34.96 15.73
CA ASN B 234 -0.88 -35.35 16.82
C ASN B 234 -0.47 -34.68 18.13
N ARG B 235 0.82 -34.48 18.35
CA ARG B 235 1.27 -33.82 19.57
C ARG B 235 0.86 -32.35 19.50
N PHE B 236 0.97 -31.79 18.31
CA PHE B 236 0.59 -30.40 18.07
C PHE B 236 -0.88 -30.21 18.42
N LEU B 237 -1.72 -31.07 17.87
CA LEU B 237 -3.15 -31.00 18.12
C LEU B 237 -3.50 -31.06 19.60
N LYS B 238 -2.86 -31.97 20.34
CA LYS B 238 -3.15 -32.06 21.78
C LYS B 238 -2.74 -30.74 22.44
N PHE B 239 -1.63 -30.17 21.99
CA PHE B 239 -1.18 -28.90 22.54
C PHE B 239 -2.16 -27.77 22.22
N ARG B 240 -2.77 -27.79 21.04
CA ARG B 240 -3.74 -26.74 20.71
C ARG B 240 -4.98 -26.87 21.61
N GLU B 241 -5.52 -28.08 21.72
CA GLU B 241 -6.69 -28.34 22.56
C GLU B 241 -6.46 -27.83 23.97
N GLY B 242 -5.30 -28.15 24.52
CA GLY B 242 -4.98 -27.73 25.87
C GLY B 242 -4.86 -26.24 26.09
N ALA B 243 -4.85 -25.45 25.02
CA ALA B 243 -4.72 -24.01 25.14
C ALA B 243 -5.99 -23.25 24.79
N PHE B 244 -7.07 -23.96 24.55
CA PHE B 244 -8.34 -23.34 24.19
C PHE B 244 -8.78 -22.23 25.15
N THR B 245 -8.59 -22.43 26.45
CA THR B 245 -9.00 -21.43 27.42
C THR B 245 -7.83 -20.78 28.18
N ASP B 246 -6.63 -20.85 27.62
CA ASP B 246 -5.47 -20.27 28.27
C ASP B 246 -4.70 -19.30 27.37
N PRO B 247 -5.11 -18.02 27.38
CA PRO B 247 -4.49 -16.96 26.57
C PRO B 247 -3.04 -16.67 26.97
N ASP B 248 -2.59 -17.25 28.09
CA ASP B 248 -1.20 -17.05 28.52
C ASP B 248 -0.34 -18.07 27.79
N SER B 249 -1.00 -18.96 27.05
CA SER B 249 -0.32 -20.01 26.31
C SER B 249 -0.02 -19.60 24.87
N TYR B 250 1.13 -20.04 24.39
CA TYR B 250 1.59 -19.78 23.03
C TYR B 250 0.68 -20.49 22.03
N PHE B 251 0.19 -21.66 22.40
CA PHE B 251 -0.68 -22.43 21.51
C PHE B 251 -2.10 -21.89 21.39
N HIS B 252 -2.43 -20.84 22.12
CA HIS B 252 -3.77 -20.29 22.01
C HIS B 252 -3.91 -19.65 20.64
N ASN B 253 -2.78 -19.21 20.09
CA ASN B 253 -2.76 -18.59 18.76
C ASN B 253 -3.34 -19.55 17.72
N TYR B 254 -3.15 -20.86 17.92
CA TYR B 254 -3.65 -21.86 16.98
C TYR B 254 -5.13 -22.24 17.17
N ALA B 255 -5.72 -21.81 18.28
CA ALA B 255 -7.13 -22.13 18.51
C ALA B 255 -7.99 -21.34 17.52
N LYS B 256 -7.51 -20.17 17.14
CA LYS B 256 -8.22 -19.30 16.19
C LYS B 256 -8.35 -19.94 14.82
N LEU B 257 -7.57 -20.98 14.57
CA LEU B 257 -7.60 -21.66 13.28
C LEU B 257 -8.52 -22.88 13.35
N THR B 258 -9.14 -23.22 12.22
CA THR B 258 -10.00 -24.40 12.20
C THR B 258 -9.05 -25.59 12.37
N LYS B 259 -9.59 -26.74 12.75
CA LYS B 259 -8.75 -27.92 12.93
C LYS B 259 -8.01 -28.23 11.64
N GLU B 260 -8.72 -28.15 10.52
CA GLU B 260 -8.15 -28.44 9.22
C GLU B 260 -6.91 -27.59 8.93
N GLU B 261 -7.04 -26.27 9.08
CA GLU B 261 -5.91 -25.40 8.82
C GLU B 261 -4.79 -25.55 9.85
N ALA B 262 -5.17 -25.89 11.08
CA ALA B 262 -4.19 -26.07 12.17
C ALA B 262 -3.31 -27.28 11.87
N ILE B 263 -3.90 -28.29 11.23
CA ILE B 263 -3.17 -29.48 10.87
C ILE B 263 -2.21 -29.13 9.73
N LYS B 264 -2.68 -28.35 8.76
CA LYS B 264 -1.82 -27.96 7.65
C LYS B 264 -0.68 -27.10 8.18
N THR B 265 -1.00 -26.24 9.14
CA THR B 265 0.01 -25.38 9.73
C THR B 265 1.09 -26.23 10.42
N ALA B 266 0.67 -27.21 11.20
CA ALA B 266 1.60 -28.09 11.90
C ALA B 266 2.45 -28.86 10.89
N MET B 267 1.79 -29.33 9.84
CA MET B 267 2.45 -30.08 8.79
C MET B 267 3.56 -29.24 8.15
N THR B 268 3.37 -27.93 8.10
CA THR B 268 4.35 -27.04 7.49
C THR B 268 5.50 -26.78 8.46
N LEU B 269 5.18 -26.69 9.75
CA LEU B 269 6.23 -26.48 10.75
C LEU B 269 7.12 -27.71 10.69
N TRP B 270 6.49 -28.86 10.48
CA TRP B 270 7.21 -30.11 10.41
C TRP B 270 8.13 -30.20 9.20
N LYS B 271 7.55 -30.07 8.02
CA LYS B 271 8.31 -30.18 6.79
C LYS B 271 9.39 -29.12 6.58
N GLU B 272 9.04 -27.86 6.78
CA GLU B 272 9.99 -26.79 6.53
C GLU B 272 11.03 -26.53 7.62
N ILE B 273 10.72 -26.92 8.85
CA ILE B 273 11.66 -26.69 9.94
C ILE B 273 12.23 -27.95 10.57
N ASN B 274 11.40 -28.75 11.22
CA ASN B 274 11.87 -29.96 11.88
C ASN B 274 12.44 -31.05 11.00
N TRP B 275 11.78 -31.32 9.88
CA TRP B 275 12.27 -32.37 8.99
C TRP B 275 13.55 -31.94 8.31
N LEU B 276 13.64 -30.65 7.95
CA LEU B 276 14.84 -30.14 7.31
C LEU B 276 15.99 -30.26 8.30
N ASN B 277 15.70 -29.96 9.56
CA ASN B 277 16.69 -30.03 10.62
C ASN B 277 17.14 -31.48 10.78
N LEU B 278 16.21 -32.41 10.66
CA LEU B 278 16.53 -33.82 10.79
C LEU B 278 17.52 -34.24 9.72
N LYS B 279 17.22 -33.92 8.47
CA LYS B 279 18.07 -34.28 7.34
C LYS B 279 19.44 -33.63 7.33
N GLN B 280 19.49 -32.33 7.59
CA GLN B 280 20.76 -31.62 7.57
C GLN B 280 21.62 -31.73 8.82
N ASN B 281 21.01 -31.83 10.00
CA ASN B 281 21.79 -31.83 11.24
C ASN B 281 21.65 -32.97 12.23
N ILE B 282 20.48 -33.59 12.28
CA ILE B 282 20.26 -34.64 13.25
C ILE B 282 20.58 -36.06 12.79
N LEU B 283 19.96 -36.49 11.70
CA LEU B 283 20.17 -37.83 11.19
C LEU B 283 21.63 -38.20 10.94
N PRO B 284 22.44 -37.25 10.46
CA PRO B 284 23.86 -37.56 10.20
C PRO B 284 24.67 -37.95 11.45
N THR B 285 24.19 -37.60 12.63
CA THR B 285 24.88 -37.92 13.87
C THR B 285 24.50 -39.28 14.43
N ARG B 286 23.53 -39.94 13.80
CA ARG B 286 23.06 -41.23 14.28
C ARG B 286 24.12 -42.30 14.54
N GLU B 287 25.08 -42.45 13.64
CA GLU B 287 26.10 -43.47 13.81
C GLU B 287 27.12 -43.18 14.89
N ARG B 288 26.95 -42.07 15.61
CA ARG B 288 27.86 -41.74 16.69
C ARG B 288 27.30 -42.24 18.01
N ALA B 289 26.07 -42.76 17.99
CA ALA B 289 25.43 -43.26 19.21
C ALA B 289 25.90 -44.63 19.65
N SER B 290 25.84 -44.85 20.97
CA SER B 290 26.23 -46.13 21.53
C SER B 290 25.15 -47.15 21.16
N LEU B 291 23.90 -46.68 21.17
CA LEU B 291 22.77 -47.53 20.86
C LEU B 291 21.70 -46.82 20.05
N ILE B 292 21.18 -47.51 19.05
CA ILE B 292 20.13 -46.97 18.19
C ILE B 292 18.85 -47.73 18.45
N LEU B 293 17.82 -47.01 18.87
CA LEU B 293 16.51 -47.59 19.17
C LEU B 293 15.60 -47.21 17.98
N THR B 294 15.22 -48.18 17.16
CA THR B 294 14.38 -47.92 15.99
C THR B 294 12.88 -48.26 16.21
N LYS B 295 12.05 -47.22 16.09
CA LYS B 295 10.61 -47.34 16.29
C LYS B 295 9.79 -47.51 15.01
N SER B 296 8.62 -48.12 15.15
CA SER B 296 7.71 -48.34 14.04
C SER B 296 6.33 -47.80 14.43
N ALA B 297 5.29 -48.22 13.71
CA ALA B 297 3.94 -47.74 14.00
C ALA B 297 3.59 -47.90 15.48
N ASN B 298 2.81 -46.95 15.99
CA ASN B 298 2.37 -46.94 17.38
C ASN B 298 3.53 -46.88 18.37
N HIS B 299 4.68 -46.42 17.90
CA HIS B 299 5.87 -46.29 18.74
C HIS B 299 6.52 -47.59 19.17
N ALA B 300 6.09 -48.70 18.57
CA ALA B 300 6.65 -49.99 18.92
C ALA B 300 8.09 -50.10 18.44
N VAL B 301 8.99 -50.53 19.32
CA VAL B 301 10.38 -50.69 18.94
C VAL B 301 10.51 -51.95 18.11
N GLU B 302 11.17 -51.87 16.96
CA GLU B 302 11.33 -53.02 16.08
C GLU B 302 12.77 -53.47 15.95
N GLU B 303 13.71 -52.61 16.34
CA GLU B 303 15.11 -52.95 16.25
C GLU B 303 15.97 -52.21 17.27
N VAL B 304 17.01 -52.88 17.73
CA VAL B 304 17.93 -52.29 18.68
C VAL B 304 19.33 -52.62 18.22
N ARG B 305 20.15 -51.57 18.06
CA ARG B 305 21.53 -51.74 17.65
C ARG B 305 22.46 -51.18 18.71
N LEU B 306 23.41 -52.01 19.15
CA LEU B 306 24.37 -51.64 20.18
C LEU B 306 25.81 -51.78 19.69
N ARG B 307 26.62 -50.75 19.93
CA ARG B 307 28.03 -50.77 19.50
C ARG B 307 28.73 -51.99 20.08
N LYS B 308 29.46 -52.70 19.22
CA LYS B 308 30.18 -53.89 19.62
C LYS B 308 31.33 -53.51 20.56
N MET C 1 -64.87 3.17 4.92
CA MET C 1 -63.69 3.49 4.06
C MET C 1 -62.41 3.59 4.87
N THR C 2 -61.41 4.21 4.28
CA THR C 2 -60.10 4.38 4.90
C THR C 2 -59.74 5.85 5.10
N PRO C 3 -58.97 6.18 6.16
CA PRO C 3 -58.58 7.56 6.43
C PRO C 3 -57.38 7.96 5.56
N TYR C 4 -57.02 7.12 4.59
CA TYR C 4 -55.87 7.40 3.74
C TYR C 4 -56.09 7.48 2.24
N LEU C 5 -55.40 8.42 1.59
CA LEU C 5 -55.44 8.51 0.14
C LEU C 5 -54.38 7.46 -0.19
N GLN C 6 -54.57 6.71 -1.27
CA GLN C 6 -53.59 5.68 -1.60
C GLN C 6 -53.01 5.81 -3.00
N PHE C 7 -51.72 5.56 -3.13
CA PHE C 7 -51.04 5.65 -4.42
C PHE C 7 -50.05 4.48 -4.60
N ASP C 8 -50.15 3.76 -5.71
CA ASP C 8 -49.19 2.69 -5.95
C ASP C 8 -48.00 3.42 -6.56
N ARG C 9 -46.90 2.72 -6.79
CA ARG C 9 -45.73 3.36 -7.34
C ARG C 9 -45.95 4.24 -8.57
N ASN C 10 -46.65 3.71 -9.58
CA ASN C 10 -46.90 4.47 -10.80
C ASN C 10 -47.71 5.75 -10.56
N GLN C 11 -48.78 5.65 -9.78
CA GLN C 11 -49.63 6.80 -9.49
C GLN C 11 -48.81 7.87 -8.77
N TRP C 12 -47.97 7.45 -7.81
CA TRP C 12 -47.15 8.40 -7.06
C TRP C 12 -46.14 9.08 -7.97
N ALA C 13 -45.38 8.29 -8.74
CA ALA C 13 -44.40 8.85 -9.65
C ALA C 13 -45.04 9.71 -10.73
N ALA C 14 -46.32 9.47 -11.01
CA ALA C 14 -47.04 10.23 -12.02
C ALA C 14 -47.39 11.64 -11.51
N LEU C 15 -46.87 12.01 -10.35
CA LEU C 15 -47.15 13.33 -9.77
C LEU C 15 -46.08 14.33 -10.17
N ARG C 16 -44.97 13.85 -10.71
CA ARG C 16 -43.90 14.72 -11.15
C ARG C 16 -44.31 15.56 -12.35
N MET C 21 -38.63 17.58 -12.14
CA MET C 21 -37.39 18.08 -11.58
C MET C 21 -36.24 17.13 -11.86
N THR C 22 -35.02 17.65 -11.74
CA THR C 22 -33.80 16.86 -11.96
C THR C 22 -32.73 17.25 -10.95
N LEU C 23 -31.94 16.27 -10.53
CA LEU C 23 -30.90 16.52 -9.54
C LEU C 23 -29.58 16.99 -10.15
N SER C 24 -28.90 17.89 -9.45
CA SER C 24 -27.62 18.41 -9.91
C SER C 24 -26.53 17.38 -9.68
N GLU C 25 -25.35 17.63 -10.21
CA GLU C 25 -24.24 16.70 -10.04
C GLU C 25 -23.83 16.62 -8.57
N ASP C 26 -23.88 17.74 -7.87
CA ASP C 26 -23.54 17.79 -6.45
C ASP C 26 -24.57 17.02 -5.64
N GLU C 27 -25.84 17.22 -5.97
CA GLU C 27 -26.92 16.54 -5.27
C GLU C 27 -26.81 15.04 -5.45
N ILE C 28 -26.48 14.61 -6.67
CA ILE C 28 -26.34 13.18 -6.94
C ILE C 28 -25.18 12.61 -6.12
N ALA C 29 -24.06 13.30 -6.11
CA ALA C 29 -22.90 12.86 -5.36
C ALA C 29 -23.25 12.77 -3.88
N ARG C 30 -23.97 13.76 -3.38
CA ARG C 30 -24.36 13.77 -1.99
C ARG C 30 -25.24 12.57 -1.68
N LEU C 31 -26.12 12.22 -2.60
CA LEU C 31 -27.00 11.07 -2.38
C LEU C 31 -26.19 9.77 -2.41
N LYS C 32 -25.19 9.71 -3.26
CA LYS C 32 -24.35 8.52 -3.34
C LYS C 32 -23.56 8.39 -2.03
N GLY C 33 -23.16 9.52 -1.47
CA GLY C 33 -22.42 9.50 -0.22
C GLY C 33 -23.30 9.01 0.93
N ILE C 34 -24.61 9.24 0.81
CA ILE C 34 -25.56 8.81 1.83
C ILE C 34 -25.68 7.28 1.83
N ASN C 35 -25.88 6.70 0.65
CA ASN C 35 -26.02 5.25 0.54
C ASN C 35 -25.65 4.78 -0.87
N GLU C 36 -24.50 4.12 -0.98
CA GLU C 36 -24.00 3.63 -2.26
C GLU C 36 -24.98 2.76 -3.05
N ASP C 37 -25.92 2.13 -2.35
CA ASP C 37 -26.88 1.26 -3.02
C ASP C 37 -28.23 1.91 -3.29
N LEU C 38 -28.38 3.17 -2.92
CA LEU C 38 -29.62 3.88 -3.15
C LEU C 38 -29.75 4.15 -4.66
N SER C 39 -30.87 3.72 -5.23
CA SER C 39 -31.15 3.90 -6.64
C SER C 39 -31.51 5.35 -6.97
N LEU C 40 -30.82 5.93 -7.94
CA LEU C 40 -31.08 7.31 -8.35
C LEU C 40 -32.44 7.44 -9.01
N GLU C 41 -32.89 6.38 -9.67
CA GLU C 41 -34.19 6.42 -10.33
C GLU C 41 -35.25 6.46 -9.24
N GLU C 42 -35.00 5.72 -8.16
CA GLU C 42 -35.91 5.65 -7.03
C GLU C 42 -36.05 7.06 -6.44
N VAL C 43 -34.94 7.76 -6.31
CA VAL C 43 -34.95 9.10 -5.76
C VAL C 43 -35.81 10.01 -6.63
N ALA C 44 -35.57 9.97 -7.94
CA ALA C 44 -36.30 10.80 -8.86
C ALA C 44 -37.79 10.50 -8.94
N GLU C 45 -38.17 9.22 -8.84
CA GLU C 45 -39.58 8.87 -8.94
C GLU C 45 -40.34 8.81 -7.62
N ILE C 46 -39.64 8.59 -6.52
CA ILE C 46 -40.31 8.48 -5.23
C ILE C 46 -40.02 9.60 -4.23
N TYR C 47 -38.76 9.77 -3.89
CA TYR C 47 -38.37 10.77 -2.91
C TYR C 47 -38.45 12.24 -3.29
N LEU C 48 -38.26 12.58 -4.56
CA LEU C 48 -38.39 13.98 -4.95
C LEU C 48 -39.85 14.39 -4.76
N PRO C 49 -40.79 13.59 -5.27
CA PRO C 49 -42.21 13.91 -5.12
C PRO C 49 -42.60 13.97 -3.64
N LEU C 50 -42.01 13.09 -2.84
CA LEU C 50 -42.28 13.06 -1.40
C LEU C 50 -41.77 14.34 -0.75
N SER C 51 -40.61 14.82 -1.19
CA SER C 51 -40.07 16.04 -0.61
C SER C 51 -40.94 17.22 -1.03
N ARG C 52 -41.52 17.15 -2.23
CA ARG C 52 -42.40 18.22 -2.70
C ARG C 52 -43.64 18.22 -1.81
N LEU C 53 -44.22 17.05 -1.58
CA LEU C 53 -45.40 16.95 -0.74
C LEU C 53 -45.13 17.56 0.64
N LEU C 54 -44.01 17.17 1.24
CA LEU C 54 -43.64 17.69 2.54
C LEU C 54 -43.53 19.20 2.53
N ASN C 55 -42.95 19.74 1.45
CA ASN C 55 -42.79 21.18 1.32
C ASN C 55 -44.14 21.89 1.29
N PHE C 56 -45.13 21.27 0.67
CA PHE C 56 -46.46 21.87 0.63
C PHE C 56 -47.04 21.96 2.06
N TYR C 57 -46.83 20.92 2.87
CA TYR C 57 -47.33 20.95 4.24
C TYR C 57 -46.57 22.00 5.05
N ILE C 58 -45.26 22.08 4.83
CA ILE C 58 -44.43 23.02 5.54
C ILE C 58 -44.78 24.46 5.15
N SER C 59 -44.92 24.70 3.85
CA SER C 59 -45.26 26.03 3.35
C SER C 59 -46.59 26.45 3.94
N SER C 60 -47.57 25.56 3.87
CA SER C 60 -48.88 25.84 4.40
C SER C 60 -48.78 26.24 5.87
N ASN C 61 -47.91 25.55 6.61
CA ASN C 61 -47.73 25.83 8.01
C ASN C 61 -47.09 27.20 8.21
N LEU C 62 -46.17 27.57 7.31
CA LEU C 62 -45.51 28.86 7.41
C LEU C 62 -46.46 30.01 7.04
N ARG C 63 -47.34 29.79 6.07
CA ARG C 63 -48.27 30.83 5.66
C ARG C 63 -49.25 31.08 6.81
N ARG C 64 -49.79 30.02 7.40
CA ARG C 64 -50.75 30.15 8.49
C ARG C 64 -50.12 30.93 9.65
N GLN C 65 -48.85 30.63 9.93
CA GLN C 65 -48.12 31.27 11.00
C GLN C 65 -48.10 32.80 10.80
N ALA C 66 -47.93 33.23 9.55
CA ALA C 66 -47.92 34.65 9.24
C ALA C 66 -49.31 35.26 9.47
N VAL C 67 -50.36 34.53 9.09
CA VAL C 67 -51.72 35.01 9.28
C VAL C 67 -52.04 35.10 10.77
N LEU C 68 -51.59 34.11 11.52
CA LEU C 68 -51.85 34.08 12.95
C LEU C 68 -51.01 35.12 13.68
N GLU C 69 -49.80 35.39 13.17
CA GLU C 69 -48.94 36.35 13.82
C GLU C 69 -49.59 37.73 13.74
N GLN C 70 -50.18 38.02 12.59
CA GLN C 70 -50.85 39.30 12.39
C GLN C 70 -52.05 39.43 13.33
N PHE C 71 -52.86 38.38 13.41
CA PHE C 71 -54.04 38.38 14.27
C PHE C 71 -53.70 38.40 15.77
N LEU C 72 -52.88 37.46 16.21
CA LEU C 72 -52.48 37.37 17.61
C LEU C 72 -51.55 38.51 17.97
N GLY C 73 -51.02 39.17 16.94
CA GLY C 73 -50.10 40.28 17.15
C GLY C 73 -48.90 39.94 18.00
N THR C 74 -48.39 38.72 17.85
CA THR C 74 -47.25 38.30 18.64
C THR C 74 -45.94 38.66 17.93
N ASN C 75 -44.83 38.59 18.67
CA ASN C 75 -43.52 38.90 18.11
C ASN C 75 -42.67 37.63 18.03
N ARG C 78 -39.91 31.56 16.14
CA ARG C 78 -39.72 30.65 15.00
C ARG C 78 -40.32 29.28 15.27
N PRO C 80 -39.56 25.37 14.81
CA PRO C 80 -39.16 24.38 13.81
C PRO C 80 -40.29 23.45 13.43
N TYR C 81 -40.39 23.16 12.14
CA TYR C 81 -41.39 22.22 11.66
C TYR C 81 -40.72 20.88 11.98
N ILE C 82 -41.46 19.95 12.57
CA ILE C 82 -40.86 18.67 12.91
C ILE C 82 -41.45 17.46 12.17
N ILE C 83 -40.58 16.70 11.54
CA ILE C 83 -40.98 15.51 10.78
C ILE C 83 -40.36 14.27 11.45
N SER C 84 -41.19 13.30 11.81
CA SER C 84 -40.66 12.07 12.42
C SER C 84 -40.78 10.92 11.42
N ILE C 85 -39.92 9.92 11.58
CA ILE C 85 -39.91 8.76 10.70
C ILE C 85 -39.82 7.50 11.56
N ALA C 86 -40.87 6.70 11.50
CA ALA C 86 -40.95 5.48 12.27
C ALA C 86 -40.88 4.23 11.39
N GLY C 87 -40.85 3.07 12.04
CA GLY C 87 -40.78 1.82 11.33
C GLY C 87 -39.82 0.83 11.97
N SER C 88 -39.88 -0.40 11.49
CA SER C 88 -39.03 -1.48 11.98
C SER C 88 -37.54 -1.21 11.90
N VAL C 89 -36.80 -1.88 12.78
CA VAL C 89 -35.35 -1.78 12.75
C VAL C 89 -35.00 -2.34 11.36
N ALA C 90 -34.09 -1.68 10.67
CA ALA C 90 -33.62 -2.10 9.35
C ALA C 90 -34.58 -1.90 8.18
N VAL C 91 -35.66 -1.15 8.36
CA VAL C 91 -36.57 -0.93 7.24
C VAL C 91 -36.03 0.15 6.30
N GLY C 92 -35.16 1.00 6.83
CA GLY C 92 -34.58 2.06 6.02
C GLY C 92 -34.90 3.48 6.48
N LYS C 93 -35.16 3.64 7.78
CA LYS C 93 -35.47 4.95 8.36
C LYS C 93 -34.32 5.93 8.21
N SER C 94 -33.13 5.46 8.54
CA SER C 94 -31.95 6.31 8.47
C SER C 94 -31.66 6.79 7.06
N THR C 95 -31.79 5.88 6.09
CA THR C 95 -31.57 6.26 4.69
C THR C 95 -32.66 7.22 4.23
N THR C 96 -33.90 6.90 4.55
CA THR C 96 -35.02 7.76 4.15
C THR C 96 -34.87 9.16 4.74
N ALA C 97 -34.53 9.23 6.03
CA ALA C 97 -34.36 10.51 6.72
C ALA C 97 -33.29 11.35 6.04
N ARG C 98 -32.12 10.75 5.81
CA ARG C 98 -31.01 11.45 5.20
C ARG C 98 -31.30 11.89 3.78
N VAL C 99 -32.07 11.08 3.05
CA VAL C 99 -32.43 11.45 1.69
C VAL C 99 -33.35 12.66 1.76
N LEU C 100 -34.37 12.59 2.63
CA LEU C 100 -35.30 13.70 2.78
C LEU C 100 -34.62 14.98 3.28
N GLN C 101 -33.60 14.82 4.10
CA GLN C 101 -32.86 15.97 4.62
C GLN C 101 -32.17 16.68 3.45
N ALA C 102 -31.58 15.90 2.57
CA ALA C 102 -30.88 16.42 1.40
C ALA C 102 -31.85 17.11 0.43
N LEU C 103 -32.95 16.43 0.11
CA LEU C 103 -33.91 17.01 -0.81
C LEU C 103 -34.62 18.27 -0.28
N LEU C 104 -35.02 18.25 1.00
CA LEU C 104 -35.70 19.42 1.56
C LEU C 104 -34.78 20.62 1.58
N SER C 105 -33.48 20.38 1.51
CA SER C 105 -32.50 21.47 1.49
C SER C 105 -32.51 22.24 0.18
N ARG C 106 -33.18 21.69 -0.83
CA ARG C 106 -33.25 22.33 -2.14
C ARG C 106 -34.00 23.66 -2.14
N TRP C 107 -34.97 23.80 -1.25
CA TRP C 107 -35.75 25.03 -1.15
C TRP C 107 -34.97 26.08 -0.37
N PRO C 108 -34.94 27.32 -0.88
CA PRO C 108 -34.22 28.42 -0.22
C PRO C 108 -34.74 28.67 1.20
N GLU C 109 -36.01 28.38 1.44
CA GLU C 109 -36.61 28.58 2.76
C GLU C 109 -36.05 27.62 3.81
N ARG C 111 -33.12 25.23 4.31
CA ARG C 111 -31.68 25.09 4.53
C ARG C 111 -31.41 24.93 6.04
N VAL C 113 -31.95 22.28 8.04
CA VAL C 113 -32.65 20.99 8.19
C VAL C 113 -31.79 20.08 9.05
N GLU C 114 -32.27 19.81 10.26
CA GLU C 114 -31.57 18.96 11.21
C GLU C 114 -32.12 17.54 11.32
N LEU C 115 -31.23 16.58 11.53
CA LEU C 115 -31.61 15.19 11.68
C LEU C 115 -31.12 14.66 13.02
N ILE C 116 -32.06 14.14 13.82
CA ILE C 116 -31.76 13.59 15.14
C ILE C 116 -32.40 12.21 15.22
N THR C 117 -31.67 11.23 15.73
CA THR C 117 -32.22 9.89 15.85
C THR C 117 -32.48 9.59 17.33
N THR C 118 -33.51 8.80 17.62
CA THR C 118 -33.87 8.46 19.00
C THR C 118 -32.94 7.43 19.65
N ASP C 119 -32.06 6.83 18.85
CA ASP C 119 -31.11 5.85 19.39
C ASP C 119 -30.32 6.51 20.50
N GLY C 120 -30.06 7.80 20.35
CA GLY C 120 -29.29 8.53 21.34
C GLY C 120 -29.97 8.58 22.69
N PHE C 121 -31.30 8.46 22.70
CA PHE C 121 -32.05 8.51 23.95
C PHE C 121 -32.20 7.17 24.65
N LEU C 122 -31.45 6.18 24.21
CA LEU C 122 -31.48 4.87 24.86
C LEU C 122 -30.66 5.05 26.14
N HIS C 123 -30.99 4.29 27.19
CA HIS C 123 -30.22 4.36 28.43
C HIS C 123 -28.86 3.73 28.11
N PRO C 124 -27.76 4.28 28.69
CA PRO C 124 -26.43 3.71 28.41
C PRO C 124 -26.42 2.22 28.76
N ASN C 125 -25.43 1.50 28.24
CA ASN C 125 -25.34 0.07 28.54
C ASN C 125 -25.28 -0.17 30.05
N GLN C 126 -24.50 0.65 30.75
CA GLN C 126 -24.38 0.50 32.19
C GLN C 126 -25.76 0.46 32.84
N VAL C 127 -26.65 1.32 32.39
CA VAL C 127 -28.01 1.35 32.94
C VAL C 127 -28.82 0.16 32.46
N LEU C 128 -28.77 -0.14 31.17
CA LEU C 128 -29.52 -1.28 30.65
C LEU C 128 -29.12 -2.56 31.39
N LYS C 129 -27.81 -2.77 31.58
CA LYS C 129 -27.31 -3.95 32.27
C LYS C 129 -27.87 -4.03 33.69
N GLU C 130 -27.85 -2.90 34.39
CA GLU C 130 -28.36 -2.84 35.76
C GLU C 130 -29.82 -3.26 35.80
N ARG C 131 -30.57 -2.84 34.79
CA ARG C 131 -31.99 -3.17 34.72
C ARG C 131 -32.26 -4.46 33.99
N GLY C 132 -31.20 -5.16 33.60
CA GLY C 132 -31.34 -6.42 32.89
C GLY C 132 -32.01 -6.26 31.54
N LEU C 133 -31.69 -5.19 30.84
CA LEU C 133 -32.31 -4.91 29.55
C LEU C 133 -31.31 -4.87 28.38
N MET C 134 -30.15 -5.46 28.56
CA MET C 134 -29.14 -5.45 27.51
C MET C 134 -29.55 -6.24 26.27
N LYS C 135 -30.59 -7.06 26.40
CA LYS C 135 -31.10 -7.84 25.27
C LYS C 135 -32.44 -7.28 24.84
N LYS C 136 -32.71 -6.04 25.27
CA LYS C 136 -33.96 -5.38 24.95
C LYS C 136 -33.80 -3.99 24.34
N LYS C 137 -32.66 -3.72 23.70
CA LYS C 137 -32.48 -2.41 23.08
C LYS C 137 -33.55 -2.23 22.01
N GLY C 138 -34.24 -1.10 22.06
CA GLY C 138 -35.29 -0.82 21.11
C GLY C 138 -36.67 -0.92 21.73
N PHE C 139 -36.76 -1.65 22.83
CA PHE C 139 -38.02 -1.81 23.51
C PHE C 139 -38.25 -0.57 24.36
N PRO C 140 -39.52 -0.25 24.65
CA PRO C 140 -39.87 0.94 25.45
C PRO C 140 -39.01 1.16 26.69
N GLU C 141 -38.86 0.13 27.50
CA GLU C 141 -38.09 0.24 28.73
C GLU C 141 -36.61 0.58 28.58
N SER C 142 -36.08 0.45 27.37
CA SER C 142 -34.66 0.74 27.15
C SER C 142 -34.42 2.21 26.80
N TYR C 143 -35.51 2.96 26.66
CA TYR C 143 -35.40 4.37 26.32
C TYR C 143 -35.65 5.31 27.48
N ASP C 144 -34.95 6.43 27.45
CA ASP C 144 -35.13 7.47 28.46
C ASP C 144 -36.17 8.34 27.75
N MET C 145 -37.41 7.85 27.70
CA MET C 145 -38.49 8.55 27.01
C MET C 145 -38.80 9.96 27.48
N HIS C 146 -38.81 10.17 28.79
CA HIS C 146 -39.10 11.51 29.30
C HIS C 146 -38.15 12.52 28.69
N ARG C 147 -36.91 12.10 28.49
CA ARG C 147 -35.92 13.01 27.91
C ARG C 147 -36.22 13.29 26.44
N LEU C 148 -36.63 12.25 25.70
CA LEU C 148 -36.95 12.41 24.28
C LEU C 148 -38.14 13.36 24.15
N VAL C 149 -39.16 13.16 24.98
CA VAL C 149 -40.34 14.01 24.95
C VAL C 149 -39.96 15.47 25.22
N LYS C 150 -39.13 15.68 26.23
CA LYS C 150 -38.70 17.04 26.57
C LYS C 150 -37.89 17.67 25.43
N PHE C 151 -37.16 16.85 24.67
CA PHE C 151 -36.37 17.37 23.57
C PHE C 151 -37.27 18.05 22.53
N VAL C 152 -38.28 17.33 22.04
CA VAL C 152 -39.17 17.92 21.05
C VAL C 152 -40.05 18.97 21.70
N SER C 153 -40.37 18.80 22.98
CA SER C 153 -41.18 19.77 23.68
C SER C 153 -40.42 21.11 23.74
N ASP C 154 -39.14 21.07 24.07
CA ASP C 154 -38.33 22.29 24.13
C ASP C 154 -38.25 22.96 22.77
N LEU C 155 -38.08 22.17 21.71
CA LEU C 155 -38.00 22.71 20.35
C LEU C 155 -39.31 23.40 20.03
N LYS C 156 -40.42 22.76 20.38
CA LYS C 156 -41.72 23.32 20.12
C LYS C 156 -42.10 24.43 21.10
N SER C 157 -41.19 24.74 22.02
CA SER C 157 -41.43 25.80 23.00
C SER C 157 -40.66 27.03 22.55
N GLY C 158 -39.82 26.86 21.53
CA GLY C 158 -39.05 27.97 21.03
C GLY C 158 -37.65 28.09 21.63
N VAL C 159 -37.24 27.10 22.41
CA VAL C 159 -35.90 27.13 23.00
C VAL C 159 -34.88 27.19 21.87
N PRO C 160 -34.06 28.25 21.84
CA PRO C 160 -33.03 28.46 20.81
C PRO C 160 -32.07 27.28 20.57
N ASN C 161 -31.42 26.80 21.61
CA ASN C 161 -30.48 25.70 21.44
C ASN C 161 -30.90 24.52 22.30
N VAL C 162 -31.07 23.37 21.66
CA VAL C 162 -31.47 22.17 22.38
C VAL C 162 -30.42 21.10 22.16
N THR C 163 -30.12 20.35 23.22
CA THR C 163 -29.10 19.30 23.13
C THR C 163 -29.69 17.90 23.16
N ALA C 164 -29.11 17.01 22.37
CA ALA C 164 -29.57 15.63 22.30
C ALA C 164 -28.40 14.66 22.49
N PRO C 165 -28.64 13.56 23.21
CA PRO C 165 -27.56 12.59 23.40
C PRO C 165 -27.32 11.89 22.07
N VAL C 166 -26.14 11.32 21.88
CA VAL C 166 -25.81 10.63 20.63
C VAL C 166 -25.40 9.19 20.88
N TYR C 167 -25.86 8.30 20.01
CA TYR C 167 -25.58 6.87 20.09
C TYR C 167 -24.61 6.48 18.98
N SER C 168 -23.77 5.49 19.24
CA SER C 168 -22.79 5.01 18.27
C SER C 168 -22.96 3.51 18.03
N HIS C 169 -23.40 3.12 16.83
CA HIS C 169 -23.57 1.70 16.53
C HIS C 169 -22.20 1.01 16.46
N LEU C 170 -21.16 1.81 16.26
CA LEU C 170 -19.79 1.31 16.18
C LEU C 170 -19.33 0.82 17.55
N ILE C 171 -19.77 1.50 18.61
CA ILE C 171 -19.39 1.07 19.95
C ILE C 171 -20.58 0.40 20.64
N TYR C 172 -21.74 0.49 20.00
CA TYR C 172 -22.96 -0.15 20.52
C TYR C 172 -23.35 0.45 21.86
N ASP C 173 -23.27 1.76 21.97
CA ASP C 173 -23.61 2.41 23.22
C ASP C 173 -23.73 3.91 23.08
N VAL C 174 -24.35 4.54 24.06
CA VAL C 174 -24.50 5.99 24.06
C VAL C 174 -23.10 6.58 24.26
N ILE C 175 -22.75 7.58 23.49
CA ILE C 175 -21.44 8.23 23.63
C ILE C 175 -21.51 9.16 24.86
N PRO C 176 -20.79 8.82 25.94
CA PRO C 176 -20.75 9.59 27.19
C PRO C 176 -20.77 11.12 27.09
N ASP C 177 -19.82 11.71 26.37
CA ASP C 177 -19.79 13.17 26.23
C ASP C 177 -19.82 13.61 24.78
N GLY C 178 -20.77 13.09 24.02
CA GLY C 178 -20.88 13.44 22.61
C GLY C 178 -22.23 14.03 22.24
N ASP C 179 -22.89 14.66 23.20
CA ASP C 179 -24.20 15.28 22.95
C ASP C 179 -24.15 16.28 21.78
N LYS C 180 -25.18 16.23 20.94
CA LYS C 180 -25.27 17.11 19.77
C LYS C 180 -26.21 18.30 20.04
N THR C 181 -25.71 19.50 19.80
CA THR C 181 -26.51 20.71 20.00
C THR C 181 -27.20 21.18 18.74
N VAL C 182 -28.52 21.26 18.80
CA VAL C 182 -29.34 21.70 17.69
C VAL C 182 -29.60 23.20 17.83
N VAL C 183 -29.29 23.97 16.79
CA VAL C 183 -29.50 25.42 16.85
C VAL C 183 -30.55 25.94 15.88
N PRO C 185 -33.25 25.12 14.01
CA PRO C 185 -33.52 24.55 12.68
C PRO C 185 -34.84 25.05 12.14
N ASP C 186 -34.97 25.06 10.81
CA ASP C 186 -36.22 25.45 10.16
C ASP C 186 -37.05 24.17 10.14
N ILE C 187 -36.32 23.06 10.02
CA ILE C 187 -36.91 21.74 9.98
C ILE C 187 -36.07 20.75 10.77
N LEU C 188 -36.74 19.92 11.55
CA LEU C 188 -36.05 18.90 12.30
C LEU C 188 -36.65 17.54 11.93
N ILE C 189 -35.81 16.62 11.49
CA ILE C 189 -36.26 15.28 11.15
C ILE C 189 -35.88 14.41 12.34
N LEU C 190 -36.89 13.79 12.96
CA LEU C 190 -36.68 12.91 14.11
C LEU C 190 -36.93 11.48 13.65
N GLU C 191 -35.85 10.71 13.59
CA GLU C 191 -35.92 9.33 13.14
C GLU C 191 -35.77 8.30 14.26
N GLY C 192 -36.72 7.38 14.35
CA GLY C 192 -36.68 6.37 15.39
C GLY C 192 -37.86 5.43 15.32
N LEU C 193 -37.65 4.18 15.73
CA LEU C 193 -38.71 3.19 15.69
C LEU C 193 -39.86 3.49 16.64
N ASN C 194 -39.61 4.34 17.63
CA ASN C 194 -40.61 4.66 18.64
C ASN C 194 -41.28 6.03 18.58
N VAL C 195 -41.08 6.80 17.50
CA VAL C 195 -41.66 8.14 17.44
C VAL C 195 -43.19 8.23 17.44
N LEU C 196 -43.86 7.10 17.21
CA LEU C 196 -45.32 7.09 17.20
C LEU C 196 -45.89 6.48 18.47
N GLN C 197 -45.01 5.97 19.33
CA GLN C 197 -45.45 5.35 20.57
C GLN C 197 -45.96 6.42 21.53
N SER C 198 -46.60 5.98 22.61
CA SER C 198 -47.15 6.90 23.59
C SER C 198 -47.12 6.35 25.02
N GLY C 199 -47.89 6.98 25.89
CA GLY C 199 -47.94 6.56 27.28
C GLY C 199 -48.26 5.10 27.52
N MET C 200 -49.19 4.57 26.73
CA MET C 200 -49.60 3.17 26.86
C MET C 200 -48.43 2.21 26.66
N ASP C 201 -47.39 2.65 25.97
CA ASP C 201 -46.22 1.81 25.72
C ASP C 201 -45.24 1.84 26.89
N TYR C 202 -45.47 2.73 27.84
CA TYR C 202 -44.58 2.84 29.00
C TYR C 202 -45.35 2.78 30.30
N PRO C 203 -46.09 1.68 30.53
CA PRO C 203 -46.88 1.51 31.76
C PRO C 203 -46.01 1.55 33.01
N HIS C 204 -44.74 1.19 32.86
CA HIS C 204 -43.80 1.18 33.97
C HIS C 204 -43.39 2.59 34.40
N ASP C 205 -43.53 3.55 33.50
CA ASP C 205 -43.15 4.93 33.75
C ASP C 205 -43.88 5.81 32.72
N PRO C 206 -45.18 5.98 32.88
CA PRO C 206 -46.05 6.76 31.99
C PRO C 206 -45.85 8.27 31.80
N HIS C 207 -46.00 8.70 30.55
CA HIS C 207 -45.93 10.12 30.21
C HIS C 207 -47.30 10.43 29.60
N HIS C 208 -47.76 11.66 29.78
CA HIS C 208 -49.09 12.04 29.32
C HIS C 208 -49.18 12.94 28.10
N VAL C 209 -48.03 13.38 27.61
CA VAL C 209 -47.98 14.20 26.41
C VAL C 209 -46.96 13.41 25.59
N PHE C 210 -47.34 13.04 24.37
CA PHE C 210 -46.48 12.21 23.54
C PHE C 210 -45.60 12.95 22.53
N VAL C 211 -44.62 12.22 22.00
CA VAL C 211 -43.72 12.75 21.00
C VAL C 211 -44.54 13.31 19.85
N SER C 212 -45.55 12.54 19.42
CA SER C 212 -46.40 12.94 18.31
C SER C 212 -47.10 14.27 18.55
N ASP C 213 -47.30 14.62 19.82
CA ASP C 213 -47.95 15.89 20.16
C ASP C 213 -47.06 17.08 19.83
N PHE C 214 -45.79 16.80 19.51
CA PHE C 214 -44.86 17.87 19.15
C PHE C 214 -44.28 17.63 17.75
N VAL C 215 -44.95 16.79 16.97
CA VAL C 215 -44.52 16.47 15.61
C VAL C 215 -45.59 16.94 14.62
N ASP C 216 -45.14 17.65 13.59
CA ASP C 216 -46.07 18.16 12.58
C ASP C 216 -46.47 17.12 11.54
N PHE C 217 -45.51 16.33 11.07
CA PHE C 217 -45.79 15.32 10.06
C PHE C 217 -45.03 14.02 10.40
N SER C 218 -45.72 12.89 10.35
CA SER C 218 -45.05 11.63 10.66
C SER C 218 -45.16 10.64 9.49
N ILE C 219 -44.04 9.95 9.25
CA ILE C 219 -43.95 8.94 8.19
C ILE C 219 -43.60 7.58 8.80
N TYR C 220 -44.31 6.55 8.38
CA TYR C 220 -44.01 5.21 8.85
C TYR C 220 -43.50 4.40 7.63
N VAL C 221 -42.23 3.99 7.67
CA VAL C 221 -41.67 3.20 6.58
C VAL C 221 -42.06 1.75 6.88
N ASP C 222 -42.75 1.13 5.93
CA ASP C 222 -43.27 -0.22 6.10
C ASP C 222 -42.72 -1.24 5.11
N ALA C 223 -42.56 -2.48 5.55
CA ALA C 223 -42.08 -3.58 4.71
C ALA C 223 -42.37 -4.93 5.35
N PRO C 224 -42.46 -6.00 4.54
CA PRO C 224 -42.74 -7.36 5.02
C PRO C 224 -41.61 -7.89 5.89
N GLU C 225 -41.96 -8.79 6.82
CA GLU C 225 -40.98 -9.39 7.73
C GLU C 225 -39.84 -10.10 6.98
N ASP C 226 -40.16 -10.79 5.89
CA ASP C 226 -39.14 -11.51 5.13
C ASP C 226 -38.09 -10.58 4.52
N LEU C 227 -38.51 -9.40 4.08
CA LEU C 227 -37.56 -8.44 3.51
C LEU C 227 -36.77 -7.75 4.62
N LEU C 228 -37.43 -7.45 5.73
CA LEU C 228 -36.79 -6.80 6.87
C LEU C 228 -35.65 -7.68 7.39
N GLN C 229 -35.90 -8.98 7.47
CA GLN C 229 -34.90 -9.93 7.96
C GLN C 229 -33.66 -9.90 7.05
N THR C 230 -33.90 -10.00 5.75
CA THR C 230 -32.81 -9.97 4.78
C THR C 230 -31.98 -8.68 4.88
N TRP C 231 -32.67 -7.54 4.93
CA TRP C 231 -31.99 -6.26 5.04
C TRP C 231 -31.19 -6.15 6.33
N TYR C 232 -31.77 -6.65 7.43
CA TYR C 232 -31.10 -6.63 8.72
C TYR C 232 -29.81 -7.45 8.65
N ILE C 233 -29.93 -8.69 8.18
CA ILE C 233 -28.78 -9.58 8.08
C ILE C 233 -27.69 -9.01 7.18
N ASN C 234 -28.07 -8.55 5.99
CA ASN C 234 -27.06 -7.99 5.08
C ASN C 234 -26.38 -6.76 5.68
N ARG C 235 -27.11 -5.98 6.47
CA ARG C 235 -26.51 -4.80 7.09
C ARG C 235 -25.53 -5.30 8.17
N PHE C 236 -25.94 -6.36 8.87
CA PHE C 236 -25.11 -6.97 9.91
C PHE C 236 -23.78 -7.42 9.30
N LEU C 237 -23.87 -8.16 8.21
CA LEU C 237 -22.68 -8.67 7.53
C LEU C 237 -21.73 -7.56 7.13
N LYS C 238 -22.28 -6.48 6.58
CA LYS C 238 -21.46 -5.33 6.16
C LYS C 238 -20.75 -4.79 7.40
N PHE C 239 -21.47 -4.71 8.51
CA PHE C 239 -20.88 -4.23 9.76
C PHE C 239 -19.78 -5.19 10.19
N ARG C 240 -20.02 -6.49 10.03
CA ARG C 240 -19.02 -7.49 10.40
C ARG C 240 -17.76 -7.28 9.57
N GLU C 241 -17.90 -7.24 8.24
CA GLU C 241 -16.75 -7.04 7.36
C GLU C 241 -15.97 -5.79 7.74
N GLY C 242 -16.67 -4.69 7.94
CA GLY C 242 -16.01 -3.45 8.28
C GLY C 242 -15.30 -3.50 9.62
N ALA C 243 -15.39 -4.62 10.32
CA ALA C 243 -14.77 -4.76 11.62
C ALA C 243 -13.56 -5.69 11.66
N PHE C 244 -13.33 -6.41 10.57
CA PHE C 244 -12.22 -7.36 10.50
C PHE C 244 -10.90 -6.85 11.06
N THR C 245 -10.55 -5.61 10.75
CA THR C 245 -9.28 -5.06 11.22
C THR C 245 -9.41 -3.95 12.27
N ASP C 246 -10.58 -3.84 12.89
CA ASP C 246 -10.78 -2.80 13.91
C ASP C 246 -11.22 -3.41 15.25
N PRO C 247 -10.24 -3.80 16.09
CA PRO C 247 -10.55 -4.39 17.39
C PRO C 247 -11.29 -3.44 18.33
N ASP C 248 -11.38 -2.17 17.95
CA ASP C 248 -12.10 -1.19 18.77
C ASP C 248 -13.61 -1.19 18.47
N SER C 249 -14.00 -1.90 17.41
CA SER C 249 -15.41 -1.98 17.02
C SER C 249 -16.12 -3.13 17.73
N TYR C 250 -17.38 -2.91 18.05
CA TYR C 250 -18.22 -3.89 18.71
C TYR C 250 -18.34 -5.14 17.82
N PHE C 251 -18.51 -4.93 16.51
CA PHE C 251 -18.66 -6.04 15.57
C PHE C 251 -17.42 -6.90 15.37
N HIS C 252 -16.29 -6.47 15.91
CA HIS C 252 -15.09 -7.27 15.76
C HIS C 252 -15.31 -8.63 16.42
N ASN C 253 -16.18 -8.67 17.44
CA ASN C 253 -16.48 -9.91 18.14
C ASN C 253 -17.08 -10.95 17.19
N TYR C 254 -17.77 -10.47 16.16
CA TYR C 254 -18.42 -11.36 15.20
C TYR C 254 -17.51 -11.85 14.08
N ALA C 255 -16.30 -11.31 14.02
CA ALA C 255 -15.36 -11.71 12.99
C ALA C 255 -14.73 -13.04 13.36
N LYS C 256 -14.86 -13.38 14.64
CA LYS C 256 -14.32 -14.64 15.15
C LYS C 256 -15.19 -15.81 14.69
N LEU C 257 -16.44 -15.52 14.35
CA LEU C 257 -17.38 -16.54 13.89
C LEU C 257 -17.24 -16.79 12.40
N THR C 258 -17.60 -17.99 11.95
CA THR C 258 -17.57 -18.26 10.53
C THR C 258 -18.71 -17.43 9.96
N LYS C 259 -18.68 -17.18 8.66
CA LYS C 259 -19.74 -16.39 8.05
C LYS C 259 -21.09 -17.06 8.31
N GLU C 260 -21.11 -18.38 8.19
CA GLU C 260 -22.32 -19.16 8.38
C GLU C 260 -22.92 -18.95 9.77
N GLU C 261 -22.09 -19.06 10.80
CA GLU C 261 -22.60 -18.89 12.15
C GLU C 261 -22.99 -17.42 12.39
N ALA C 262 -22.25 -16.49 11.79
CA ALA C 262 -22.53 -15.06 11.94
C ALA C 262 -23.91 -14.72 11.40
N ILE C 263 -24.29 -15.34 10.29
CA ILE C 263 -25.59 -15.09 9.70
C ILE C 263 -26.68 -15.64 10.60
N LYS C 264 -26.43 -16.81 11.19
CA LYS C 264 -27.41 -17.43 12.07
C LYS C 264 -27.53 -16.58 13.33
N THR C 265 -26.42 -16.00 13.77
CA THR C 265 -26.42 -15.17 14.96
C THR C 265 -27.27 -13.93 14.70
N ALA C 266 -27.07 -13.32 13.53
CA ALA C 266 -27.81 -12.14 13.13
C ALA C 266 -29.28 -12.46 12.99
N MET C 267 -29.58 -13.64 12.48
CA MET C 267 -30.96 -14.04 12.30
C MET C 267 -31.69 -14.17 13.64
N THR C 268 -30.95 -14.65 14.64
CA THR C 268 -31.48 -14.81 15.99
C THR C 268 -31.70 -13.43 16.62
N LEU C 269 -30.76 -12.51 16.40
CA LEU C 269 -30.93 -11.16 16.94
C LEU C 269 -32.21 -10.60 16.35
N TRP C 270 -32.43 -10.88 15.06
CA TRP C 270 -33.60 -10.40 14.36
C TRP C 270 -34.91 -10.96 14.89
N LYS C 271 -35.01 -12.28 14.95
CA LYS C 271 -36.23 -12.93 15.42
C LYS C 271 -36.57 -12.74 16.89
N GLU C 272 -35.58 -12.89 17.77
CA GLU C 272 -35.86 -12.77 19.20
C GLU C 272 -35.92 -11.35 19.75
N ILE C 273 -35.28 -10.40 19.09
CA ILE C 273 -35.29 -9.03 19.60
C ILE C 273 -36.01 -8.02 18.72
N ASN C 274 -35.47 -7.75 17.53
CA ASN C 274 -36.07 -6.76 16.65
C ASN C 274 -37.45 -7.07 16.09
N TRP C 275 -37.66 -8.31 15.68
CA TRP C 275 -38.94 -8.70 15.12
C TRP C 275 -40.00 -8.73 16.21
N LEU C 276 -39.62 -9.20 17.40
CA LEU C 276 -40.55 -9.25 18.51
C LEU C 276 -40.95 -7.82 18.85
N ASN C 277 -39.98 -6.92 18.82
CA ASN C 277 -40.21 -5.52 19.10
C ASN C 277 -41.16 -4.93 18.05
N LEU C 278 -40.98 -5.34 16.81
CA LEU C 278 -41.83 -4.87 15.72
C LEU C 278 -43.29 -5.24 15.96
N LYS C 279 -43.52 -6.51 16.24
CA LYS C 279 -44.88 -7.01 16.49
C LYS C 279 -45.55 -6.46 17.74
N GLN C 280 -44.82 -6.39 18.85
CA GLN C 280 -45.43 -5.91 20.09
C GLN C 280 -45.49 -4.41 20.28
N ASN C 281 -44.51 -3.68 19.73
CA ASN C 281 -44.47 -2.23 19.97
C ASN C 281 -44.43 -1.26 18.79
N ILE C 282 -43.84 -1.68 17.68
CA ILE C 282 -43.71 -0.79 16.55
C ILE C 282 -44.86 -0.83 15.56
N LEU C 283 -45.13 -2.00 14.99
CA LEU C 283 -46.20 -2.13 14.01
C LEU C 283 -47.56 -1.58 14.44
N PRO C 284 -47.93 -1.74 15.72
CA PRO C 284 -49.23 -1.22 16.18
C PRO C 284 -49.40 0.30 16.09
N THR C 285 -48.27 1.02 15.99
CA THR C 285 -48.32 2.48 15.92
C THR C 285 -48.43 3.00 14.50
N ARG C 286 -48.36 2.09 13.52
CA ARG C 286 -48.40 2.47 12.11
C ARG C 286 -49.56 3.36 11.68
N GLU C 287 -50.77 3.07 12.13
CA GLU C 287 -51.93 3.87 11.73
C GLU C 287 -52.00 5.26 12.34
N ARG C 288 -50.98 5.61 13.14
CA ARG C 288 -50.95 6.94 13.74
C ARG C 288 -50.11 7.87 12.86
N ALA C 289 -49.50 7.34 11.81
CA ALA C 289 -48.66 8.14 10.92
C ALA C 289 -49.44 8.97 9.92
N SER C 290 -48.86 10.11 9.54
CA SER C 290 -49.48 10.99 8.56
C SER C 290 -49.37 10.30 7.20
N LEU C 291 -48.24 9.63 6.99
CA LEU C 291 -47.97 8.95 5.74
C LEU C 291 -47.26 7.62 5.93
N ILE C 292 -47.72 6.61 5.20
CA ILE C 292 -47.12 5.29 5.25
C ILE C 292 -46.42 5.02 3.93
N LEU C 293 -45.11 4.80 4.01
CA LEU C 293 -44.28 4.53 2.85
C LEU C 293 -43.96 3.02 2.84
N THR C 294 -44.64 2.27 1.97
CA THR C 294 -44.45 0.82 1.87
C THR C 294 -43.40 0.41 0.83
N LYS C 295 -42.44 -0.41 1.27
CA LYS C 295 -41.35 -0.87 0.42
C LYS C 295 -41.47 -2.37 0.08
N SER C 296 -40.77 -2.79 -0.97
CA SER C 296 -40.78 -4.20 -1.37
C SER C 296 -39.35 -4.58 -1.72
N ALA C 297 -39.17 -5.67 -2.46
CA ALA C 297 -37.84 -6.12 -2.86
C ALA C 297 -36.93 -5.00 -3.38
N ASN C 298 -35.68 -5.07 -2.97
CA ASN C 298 -34.67 -4.08 -3.36
C ASN C 298 -34.99 -2.69 -2.87
N HIS C 299 -35.85 -2.61 -1.85
CA HIS C 299 -36.22 -1.33 -1.24
C HIS C 299 -37.07 -0.43 -2.11
N ALA C 300 -37.61 -0.96 -3.19
CA ALA C 300 -38.45 -0.18 -4.08
C ALA C 300 -39.76 0.12 -3.40
N VAL C 301 -40.18 1.38 -3.46
CA VAL C 301 -41.46 1.77 -2.85
C VAL C 301 -42.55 1.31 -3.79
N GLU C 302 -43.58 0.66 -3.25
CA GLU C 302 -44.68 0.18 -4.07
C GLU C 302 -46.00 0.84 -3.75
N GLU C 303 -46.07 1.48 -2.59
CA GLU C 303 -47.30 2.15 -2.19
C GLU C 303 -47.05 3.34 -1.26
N VAL C 304 -47.90 4.35 -1.38
CA VAL C 304 -47.80 5.52 -0.53
C VAL C 304 -49.20 5.87 -0.07
N ARG C 305 -49.38 5.93 1.25
CA ARG C 305 -50.67 6.28 1.83
C ARG C 305 -50.55 7.54 2.66
N LEU C 306 -51.40 8.51 2.36
CA LEU C 306 -51.41 9.81 3.04
C LEU C 306 -52.76 10.10 3.69
N ARG C 307 -52.74 10.53 4.94
CA ARG C 307 -53.98 10.86 5.65
C ARG C 307 -54.77 11.90 4.90
N LYS C 308 -56.06 11.63 4.73
CA LYS C 308 -56.95 12.54 4.03
C LYS C 308 -57.12 13.80 4.91
N MET D 1 20.93 24.65 -1.42
CA MET D 1 21.20 24.10 -2.79
C MET D 1 19.92 23.94 -3.60
N THR D 2 20.06 24.09 -4.91
CA THR D 2 18.93 24.01 -5.84
C THR D 2 19.24 22.94 -6.90
N PRO D 3 18.23 22.56 -7.72
CA PRO D 3 18.45 21.55 -8.77
C PRO D 3 19.19 22.19 -9.96
N TYR D 4 19.60 23.45 -9.81
CA TYR D 4 20.25 24.18 -10.89
C TYR D 4 21.64 24.74 -10.63
N LEU D 5 22.49 24.66 -11.66
CA LEU D 5 23.81 25.25 -11.61
C LEU D 5 23.45 26.68 -12.01
N GLN D 6 24.12 27.67 -11.44
CA GLN D 6 23.79 29.05 -11.78
C GLN D 6 24.97 29.85 -12.31
N PHE D 7 24.72 30.67 -13.33
CA PHE D 7 25.77 31.50 -13.93
C PHE D 7 25.25 32.91 -14.22
N ASP D 8 25.95 33.93 -13.76
CA ASP D 8 25.54 35.29 -14.07
C ASP D 8 26.12 35.54 -15.45
N ARG D 9 25.82 36.68 -16.06
CA ARG D 9 26.32 36.94 -17.40
C ARG D 9 27.82 36.73 -17.59
N ASN D 10 28.64 37.30 -16.72
CA ASN D 10 30.08 37.16 -16.85
C ASN D 10 30.59 35.73 -16.79
N GLN D 11 30.09 34.94 -15.84
CA GLN D 11 30.52 33.56 -15.70
C GLN D 11 30.10 32.74 -16.91
N TRP D 12 28.96 33.07 -17.49
CA TRP D 12 28.46 32.36 -18.67
C TRP D 12 29.29 32.71 -19.88
N ALA D 13 29.49 34.01 -20.10
CA ALA D 13 30.27 34.48 -21.23
C ALA D 13 31.68 33.94 -21.18
N ALA D 14 32.14 33.60 -19.99
CA ALA D 14 33.48 33.05 -19.80
C ALA D 14 33.59 31.63 -20.35
N LEU D 15 32.48 31.06 -20.78
CA LEU D 15 32.52 29.70 -21.31
C LEU D 15 33.05 29.64 -22.74
N ARG D 16 33.05 30.77 -23.43
CA ARG D 16 33.56 30.79 -24.80
C ARG D 16 35.08 30.66 -24.79
N ASP D 17 35.64 30.06 -25.84
CA ASP D 17 37.07 29.86 -25.94
C ASP D 17 37.87 31.16 -25.88
N MET D 21 35.34 31.24 -31.21
CA MET D 21 34.71 30.94 -32.49
C MET D 21 34.41 32.23 -33.26
N THR D 22 34.56 32.18 -34.58
CA THR D 22 34.30 33.34 -35.43
C THR D 22 33.14 33.07 -36.38
N LEU D 23 32.27 34.07 -36.53
CA LEU D 23 31.13 33.94 -37.42
C LEU D 23 31.47 34.49 -38.79
N SER D 24 31.09 33.76 -39.83
CA SER D 24 31.34 34.19 -41.20
C SER D 24 30.57 35.46 -41.51
N GLU D 25 30.84 36.04 -42.67
CA GLU D 25 30.16 37.24 -43.11
C GLU D 25 28.71 36.85 -43.38
N ASP D 26 28.54 35.68 -43.99
CA ASP D 26 27.21 35.16 -44.31
C ASP D 26 26.46 34.82 -43.03
N GLU D 27 27.18 34.31 -42.03
CA GLU D 27 26.57 33.95 -40.76
C GLU D 27 26.11 35.21 -40.04
N ILE D 28 26.90 36.27 -40.16
CA ILE D 28 26.56 37.53 -39.53
C ILE D 28 25.37 38.17 -40.23
N ALA D 29 25.30 37.98 -41.54
CA ALA D 29 24.20 38.53 -42.33
C ALA D 29 22.91 37.81 -41.98
N ARG D 30 23.01 36.51 -41.74
CA ARG D 30 21.83 35.70 -41.40
C ARG D 30 21.26 36.12 -40.04
N LEU D 31 22.15 36.34 -39.07
CA LEU D 31 21.72 36.74 -37.74
C LEU D 31 21.00 38.09 -37.79
N LYS D 32 21.55 39.04 -38.54
CA LYS D 32 20.92 40.35 -38.66
C LYS D 32 19.55 40.14 -39.31
N GLY D 33 19.52 39.26 -40.31
CA GLY D 33 18.28 38.96 -41.00
C GLY D 33 17.24 38.35 -40.07
N ILE D 34 17.70 37.55 -39.12
CA ILE D 34 16.79 36.93 -38.16
C ILE D 34 16.12 38.02 -37.33
N ASN D 35 16.92 38.96 -36.85
CA ASN D 35 16.41 40.07 -36.05
C ASN D 35 17.43 41.20 -36.11
N GLU D 36 17.01 42.33 -36.70
CA GLU D 36 17.89 43.49 -36.85
C GLU D 36 18.37 44.08 -35.53
N ASP D 37 17.63 43.84 -34.46
CA ASP D 37 18.02 44.38 -33.16
C ASP D 37 18.87 43.44 -32.33
N LEU D 38 19.06 42.22 -32.83
CA LEU D 38 19.86 41.25 -32.12
C LEU D 38 21.32 41.68 -32.06
N SER D 39 21.81 41.91 -30.85
CA SER D 39 23.18 42.34 -30.64
C SER D 39 24.18 41.24 -31.03
N LEU D 40 25.18 41.61 -31.82
CA LEU D 40 26.18 40.65 -32.25
C LEU D 40 27.09 40.28 -31.09
N GLU D 41 27.23 41.20 -30.14
CA GLU D 41 28.05 40.91 -28.98
C GLU D 41 27.29 39.87 -28.16
N GLU D 42 25.99 40.09 -28.01
CA GLU D 42 25.12 39.20 -27.23
C GLU D 42 25.24 37.77 -27.79
N VAL D 43 25.23 37.67 -29.12
CA VAL D 43 25.34 36.37 -29.75
C VAL D 43 26.67 35.71 -29.39
N ALA D 44 27.75 36.47 -29.51
CA ALA D 44 29.08 35.95 -29.21
C ALA D 44 29.28 35.56 -27.75
N GLU D 45 28.71 36.33 -26.82
CA GLU D 45 28.90 36.04 -25.40
C GLU D 45 27.85 35.12 -24.76
N ILE D 46 26.66 35.07 -25.34
CA ILE D 46 25.60 34.26 -24.77
C ILE D 46 25.15 33.06 -25.60
N TYR D 47 24.72 33.32 -26.83
CA TYR D 47 24.21 32.27 -27.69
C TYR D 47 25.20 31.29 -28.29
N LEU D 48 26.43 31.70 -28.55
CA LEU D 48 27.40 30.76 -29.08
C LEU D 48 27.69 29.72 -28.00
N PRO D 49 27.96 30.17 -26.76
CA PRO D 49 28.23 29.22 -25.68
C PRO D 49 27.01 28.30 -25.43
N LEU D 50 25.81 28.86 -25.57
CA LEU D 50 24.59 28.09 -25.38
C LEU D 50 24.48 27.02 -26.48
N SER D 51 24.86 27.36 -27.71
CA SER D 51 24.79 26.39 -28.79
C SER D 51 25.84 25.31 -28.56
N ARG D 52 26.97 25.68 -27.94
CA ARG D 52 28.01 24.71 -27.65
C ARG D 52 27.48 23.73 -26.61
N LEU D 53 26.86 24.26 -25.57
CA LEU D 53 26.29 23.43 -24.50
C LEU D 53 25.30 22.43 -25.09
N LEU D 54 24.40 22.94 -25.93
CA LEU D 54 23.42 22.08 -26.55
C LEU D 54 24.09 20.98 -27.38
N ASN D 55 25.14 21.33 -28.09
CA ASN D 55 25.86 20.37 -28.91
C ASN D 55 26.45 19.24 -28.06
N PHE D 56 26.89 19.58 -26.85
CA PHE D 56 27.44 18.55 -25.96
C PHE D 56 26.34 17.56 -25.57
N TYR D 57 25.13 18.06 -25.31
CA TYR D 57 24.03 17.18 -24.95
C TYR D 57 23.64 16.33 -26.15
N ILE D 58 23.60 16.95 -27.32
CA ILE D 58 23.25 16.24 -28.53
C ILE D 58 24.28 15.18 -28.88
N SER D 59 25.56 15.55 -28.81
CA SER D 59 26.65 14.62 -29.10
C SER D 59 26.57 13.43 -28.17
N SER D 60 26.43 13.73 -26.89
CA SER D 60 26.33 12.67 -25.89
C SER D 60 25.20 11.72 -26.26
N ASN D 61 24.11 12.28 -26.79
CA ASN D 61 22.98 11.47 -27.19
C ASN D 61 23.33 10.59 -28.38
N LEU D 62 24.01 11.16 -29.36
CA LEU D 62 24.40 10.42 -30.56
C LEU D 62 25.38 9.29 -30.23
N ARG D 63 26.33 9.55 -29.35
CA ARG D 63 27.32 8.54 -28.97
C ARG D 63 26.60 7.38 -28.29
N ARG D 64 25.76 7.70 -27.31
CA ARG D 64 25.04 6.67 -26.58
C ARG D 64 24.17 5.85 -27.53
N GLN D 65 23.60 6.52 -28.53
CA GLN D 65 22.75 5.86 -29.51
C GLN D 65 23.56 4.79 -30.25
N ALA D 66 24.84 5.08 -30.47
CA ALA D 66 25.74 4.15 -31.15
C ALA D 66 26.02 2.96 -30.23
N VAL D 67 26.34 3.24 -28.97
CA VAL D 67 26.62 2.19 -28.00
C VAL D 67 25.42 1.28 -27.82
N LEU D 68 24.24 1.87 -27.85
CA LEU D 68 23.01 1.12 -27.67
C LEU D 68 22.61 0.37 -28.94
N GLU D 69 22.91 0.94 -30.09
CA GLU D 69 22.57 0.29 -31.34
C GLU D 69 23.33 -1.03 -31.41
N GLN D 70 24.60 -0.98 -31.04
CA GLN D 70 25.46 -2.15 -31.03
C GLN D 70 24.95 -3.22 -30.08
N PHE D 71 24.59 -2.80 -28.87
CA PHE D 71 24.09 -3.70 -27.84
C PHE D 71 22.73 -4.29 -28.18
N LEU D 72 21.79 -3.43 -28.54
CA LEU D 72 20.42 -3.85 -28.87
C LEU D 72 20.32 -4.44 -30.27
N GLY D 73 21.39 -4.32 -31.05
CA GLY D 73 21.36 -4.84 -32.40
C GLY D 73 20.21 -4.28 -33.21
N THR D 74 19.76 -3.09 -32.84
CA THR D 74 18.66 -2.45 -33.55
C THR D 74 19.15 -1.28 -34.37
N ASN D 75 19.46 -1.54 -35.64
CA ASN D 75 19.92 -0.49 -36.54
C ASN D 75 18.66 0.30 -36.94
N GLY D 76 17.89 0.66 -35.93
CA GLY D 76 16.65 1.39 -36.16
C GLY D 76 16.82 2.73 -36.85
N GLN D 77 15.70 3.40 -37.07
CA GLN D 77 15.69 4.69 -37.73
C GLN D 77 16.35 5.74 -36.85
N ARG D 78 16.87 6.79 -37.46
CA ARG D 78 17.51 7.85 -36.70
C ARG D 78 16.37 8.67 -36.10
N ILE D 79 16.41 8.91 -34.80
CA ILE D 79 15.37 9.69 -34.14
C ILE D 79 15.86 11.12 -33.90
N PRO D 80 15.06 12.11 -34.28
CA PRO D 80 15.40 13.53 -34.11
C PRO D 80 15.58 13.95 -32.65
N TYR D 81 16.63 14.73 -32.40
CA TYR D 81 16.87 15.23 -31.05
C TYR D 81 15.94 16.43 -30.99
N ILE D 82 15.11 16.50 -29.95
CA ILE D 82 14.16 17.61 -29.87
C ILE D 82 14.42 18.60 -28.74
N ILE D 83 14.46 19.87 -29.10
CA ILE D 83 14.68 20.95 -28.15
C ILE D 83 13.45 21.86 -28.14
N SER D 84 12.88 22.11 -26.98
CA SER D 84 11.72 22.99 -26.89
C SER D 84 12.12 24.30 -26.20
N ILE D 85 11.39 25.36 -26.50
CA ILE D 85 11.66 26.66 -25.93
C ILE D 85 10.34 27.26 -25.46
N ALA D 86 10.26 27.49 -24.15
CA ALA D 86 9.05 28.02 -23.54
C ALA D 86 9.27 29.42 -22.97
N GLY D 87 8.17 30.01 -22.49
CA GLY D 87 8.25 31.35 -21.92
C GLY D 87 7.07 32.22 -22.32
N SER D 88 6.99 33.37 -21.67
CA SER D 88 5.91 34.32 -21.94
C SER D 88 5.81 34.79 -23.38
N VAL D 89 4.62 35.22 -23.75
CA VAL D 89 4.40 35.76 -25.08
C VAL D 89 5.31 37.01 -25.08
N ALA D 90 6.02 37.22 -26.18
CA ALA D 90 6.92 38.36 -26.34
C ALA D 90 8.23 38.35 -25.54
N VAL D 91 8.60 37.22 -24.95
CA VAL D 91 9.84 37.20 -24.20
C VAL D 91 11.04 37.05 -25.13
N GLY D 92 10.78 36.52 -26.33
CA GLY D 92 11.83 36.33 -27.32
C GLY D 92 12.09 34.89 -27.71
N LYS D 93 11.07 34.04 -27.60
CA LYS D 93 11.21 32.63 -27.95
C LYS D 93 11.53 32.44 -29.43
N SER D 94 10.80 33.15 -30.28
CA SER D 94 11.00 33.02 -31.72
C SER D 94 12.40 33.44 -32.14
N THR D 95 12.89 34.53 -31.58
CA THR D 95 14.22 35.01 -31.89
C THR D 95 15.26 34.01 -31.37
N THR D 96 15.08 33.57 -30.13
CA THR D 96 16.01 32.62 -29.51
C THR D 96 16.08 31.32 -30.32
N ALA D 97 14.91 30.82 -30.72
CA ALA D 97 14.84 29.59 -31.51
C ALA D 97 15.59 29.72 -32.82
N ARG D 98 15.29 30.79 -33.56
CA ARG D 98 15.92 31.01 -34.84
C ARG D 98 17.42 31.23 -34.73
N VAL D 99 17.87 31.88 -33.65
CA VAL D 99 19.29 32.08 -33.45
C VAL D 99 19.94 30.71 -33.20
N LEU D 100 19.34 29.92 -32.32
CA LEU D 100 19.86 28.59 -32.02
C LEU D 100 19.84 27.67 -33.23
N GLN D 101 18.83 27.83 -34.09
CA GLN D 101 18.75 27.03 -35.30
C GLN D 101 19.95 27.32 -36.21
N ALA D 102 20.27 28.61 -36.34
CA ALA D 102 21.38 29.05 -37.15
C ALA D 102 22.71 28.56 -36.59
N LEU D 103 22.93 28.76 -35.30
CA LEU D 103 24.18 28.34 -34.68
C LEU D 103 24.39 26.82 -34.67
N LEU D 104 23.35 26.06 -34.35
CA LEU D 104 23.48 24.61 -34.32
C LEU D 104 23.82 24.05 -35.69
N SER D 105 23.53 24.83 -36.73
CA SER D 105 23.82 24.43 -38.10
C SER D 105 25.31 24.45 -38.40
N ARG D 106 26.10 25.07 -37.53
CA ARG D 106 27.54 25.17 -37.71
C ARG D 106 28.25 23.81 -37.67
N TRP D 107 27.71 22.86 -36.92
CA TRP D 107 28.31 21.54 -36.81
C TRP D 107 27.92 20.70 -38.01
N PRO D 108 28.91 20.02 -38.62
CA PRO D 108 28.66 19.16 -39.79
C PRO D 108 27.63 18.08 -39.49
N GLU D 109 27.53 17.66 -38.24
CA GLU D 109 26.58 16.62 -37.84
C GLU D 109 25.11 17.08 -37.91
N HIS D 110 24.86 18.36 -37.63
CA HIS D 110 23.49 18.86 -37.66
C HIS D 110 23.13 19.51 -38.99
N ARG D 111 23.02 18.69 -40.04
CA ARG D 111 22.67 19.21 -41.34
C ARG D 111 21.25 19.77 -41.33
N ARG D 112 20.30 18.99 -40.82
CA ARG D 112 18.90 19.41 -40.78
C ARG D 112 18.40 19.82 -39.39
N VAL D 113 18.15 21.13 -39.24
CA VAL D 113 17.66 21.69 -37.97
C VAL D 113 16.33 22.41 -38.24
N GLU D 114 15.23 21.68 -38.07
CA GLU D 114 13.89 22.22 -38.29
C GLU D 114 13.39 23.07 -37.13
N LEU D 115 12.45 23.94 -37.44
CA LEU D 115 11.86 24.83 -36.44
C LEU D 115 10.35 24.83 -36.58
N ILE D 116 9.66 24.41 -35.53
CA ILE D 116 8.20 24.36 -35.53
C ILE D 116 7.68 25.13 -34.32
N THR D 117 6.68 25.98 -34.54
CA THR D 117 6.08 26.77 -33.46
C THR D 117 4.72 26.17 -33.12
N THR D 118 4.37 26.16 -31.84
CA THR D 118 3.08 25.59 -31.44
C THR D 118 1.88 26.49 -31.81
N ASP D 119 2.14 27.70 -32.28
CA ASP D 119 1.07 28.62 -32.68
C ASP D 119 0.19 27.94 -33.72
N GLY D 120 0.81 27.16 -34.60
CA GLY D 120 0.07 26.47 -35.63
C GLY D 120 -0.94 25.49 -35.09
N PHE D 121 -0.69 24.95 -33.90
CA PHE D 121 -1.61 24.00 -33.31
C PHE D 121 -2.78 24.64 -32.56
N LEU D 122 -2.96 25.94 -32.73
CA LEU D 122 -4.11 26.60 -32.10
C LEU D 122 -5.33 26.20 -32.90
N HIS D 123 -6.50 26.23 -32.27
CA HIS D 123 -7.72 25.92 -32.98
C HIS D 123 -7.96 27.12 -33.92
N PRO D 124 -8.48 26.88 -35.13
CA PRO D 124 -8.72 28.02 -36.02
C PRO D 124 -9.66 29.03 -35.34
N ASN D 125 -9.74 30.23 -35.90
CA ASN D 125 -10.60 31.26 -35.31
C ASN D 125 -12.06 30.83 -35.27
N GLN D 126 -12.50 30.11 -36.31
CA GLN D 126 -13.88 29.65 -36.36
C GLN D 126 -14.19 28.81 -35.14
N VAL D 127 -13.35 27.82 -34.88
CA VAL D 127 -13.53 26.95 -33.73
C VAL D 127 -13.43 27.74 -32.43
N LEU D 128 -12.50 28.67 -32.36
CA LEU D 128 -12.33 29.48 -31.17
C LEU D 128 -13.54 30.37 -30.90
N LYS D 129 -14.13 30.92 -31.96
CA LYS D 129 -15.29 31.80 -31.80
C LYS D 129 -16.51 31.03 -31.32
N GLU D 130 -16.73 29.85 -31.89
CA GLU D 130 -17.87 29.03 -31.49
C GLU D 130 -17.75 28.60 -30.04
N ARG D 131 -16.51 28.44 -29.57
CA ARG D 131 -16.27 28.03 -28.18
C ARG D 131 -16.08 29.27 -27.30
N GLY D 132 -16.34 30.45 -27.89
CA GLY D 132 -16.20 31.70 -27.17
C GLY D 132 -14.82 31.86 -26.56
N LEU D 133 -13.79 31.49 -27.32
CA LEU D 133 -12.42 31.57 -26.85
C LEU D 133 -11.54 32.51 -27.67
N MET D 134 -12.17 33.40 -28.43
CA MET D 134 -11.42 34.32 -29.29
C MET D 134 -10.59 35.33 -28.50
N LYS D 135 -10.85 35.45 -27.21
CA LYS D 135 -10.10 36.36 -26.35
C LYS D 135 -9.22 35.55 -25.42
N LYS D 136 -9.01 34.29 -25.80
CA LYS D 136 -8.19 33.38 -25.00
C LYS D 136 -7.09 32.67 -25.77
N LYS D 137 -6.64 33.25 -26.87
CA LYS D 137 -5.56 32.64 -27.63
C LYS D 137 -4.33 32.55 -26.73
N GLY D 138 -3.76 31.35 -26.66
CA GLY D 138 -2.58 31.12 -25.85
C GLY D 138 -2.89 30.31 -24.61
N PHE D 139 -4.16 30.33 -24.20
CA PHE D 139 -4.59 29.57 -23.04
C PHE D 139 -4.75 28.12 -23.47
N PRO D 140 -4.64 27.18 -22.52
CA PRO D 140 -4.76 25.76 -22.80
C PRO D 140 -5.93 25.36 -23.71
N GLU D 141 -7.11 25.84 -23.38
CA GLU D 141 -8.30 25.49 -24.15
C GLU D 141 -8.31 25.96 -25.61
N SER D 142 -7.40 26.86 -25.97
CA SER D 142 -7.35 27.35 -27.35
C SER D 142 -6.47 26.49 -28.24
N TYR D 143 -5.82 25.50 -27.64
CA TYR D 143 -4.93 24.62 -28.40
C TYR D 143 -5.50 23.25 -28.67
N ASP D 144 -5.11 22.70 -29.81
CA ASP D 144 -5.52 21.36 -30.18
C ASP D 144 -4.31 20.56 -29.66
N MET D 145 -4.23 20.44 -28.33
CA MET D 145 -3.12 19.76 -27.68
C MET D 145 -2.87 18.31 -28.08
N HIS D 146 -3.93 17.53 -28.25
CA HIS D 146 -3.75 16.14 -28.64
C HIS D 146 -2.98 16.05 -29.94
N ARG D 147 -3.21 17.02 -30.81
CA ARG D 147 -2.51 17.03 -32.08
C ARG D 147 -1.04 17.38 -31.90
N LEU D 148 -0.75 18.34 -31.02
CA LEU D 148 0.63 18.74 -30.77
C LEU D 148 1.40 17.56 -30.16
N VAL D 149 0.77 16.87 -29.22
CA VAL D 149 1.40 15.73 -28.57
C VAL D 149 1.71 14.65 -29.61
N LYS D 150 0.76 14.37 -30.48
CA LYS D 150 0.97 13.35 -31.50
C LYS D 150 2.08 13.75 -32.47
N PHE D 151 2.26 15.05 -32.70
CA PHE D 151 3.29 15.53 -33.60
C PHE D 151 4.69 15.12 -33.08
N VAL D 152 5.00 15.46 -31.84
CA VAL D 152 6.30 15.10 -31.30
C VAL D 152 6.35 13.59 -31.03
N SER D 153 5.20 12.98 -30.77
CA SER D 153 5.16 11.55 -30.53
C SER D 153 5.55 10.82 -31.82
N ASP D 154 4.98 11.24 -32.94
CA ASP D 154 5.30 10.63 -34.23
C ASP D 154 6.77 10.80 -34.57
N LEU D 155 7.32 11.99 -34.32
CA LEU D 155 8.73 12.24 -34.59
C LEU D 155 9.58 11.28 -33.75
N LYS D 156 9.20 11.13 -32.48
CA LYS D 156 9.94 10.25 -31.59
C LYS D 156 9.61 8.78 -31.82
N SER D 157 8.77 8.50 -32.81
CA SER D 157 8.41 7.13 -33.15
C SER D 157 9.18 6.72 -34.38
N GLY D 158 9.83 7.70 -35.01
CA GLY D 158 10.61 7.42 -36.19
C GLY D 158 9.87 7.66 -37.49
N VAL D 159 8.67 8.23 -37.41
CA VAL D 159 7.89 8.50 -38.62
C VAL D 159 8.71 9.43 -39.51
N PRO D 160 9.04 8.98 -40.73
CA PRO D 160 9.83 9.75 -41.70
C PRO D 160 9.36 11.19 -41.99
N ASN D 161 8.10 11.35 -42.37
CA ASN D 161 7.59 12.68 -42.66
C ASN D 161 6.41 13.00 -41.76
N VAL D 162 6.51 14.11 -41.04
CA VAL D 162 5.45 14.53 -40.14
C VAL D 162 4.97 15.91 -40.54
N THR D 163 3.66 16.12 -40.52
CA THR D 163 3.08 17.40 -40.90
C THR D 163 2.57 18.20 -39.72
N ALA D 164 2.77 19.51 -39.78
CA ALA D 164 2.32 20.40 -38.71
C ALA D 164 1.52 21.57 -39.28
N PRO D 165 0.46 21.96 -38.59
CA PRO D 165 -0.34 23.09 -39.08
C PRO D 165 0.49 24.37 -38.91
N VAL D 166 0.17 25.40 -39.68
CA VAL D 166 0.91 26.65 -39.58
C VAL D 166 -0.01 27.83 -39.30
N TYR D 167 0.46 28.72 -38.42
CA TYR D 167 -0.28 29.90 -38.01
C TYR D 167 0.35 31.14 -38.63
N SER D 168 -0.48 32.15 -38.91
CA SER D 168 -0.02 33.39 -39.51
C SER D 168 -0.42 34.58 -38.63
N HIS D 169 0.55 35.19 -37.95
CA HIS D 169 0.28 36.34 -37.08
C HIS D 169 -0.25 37.55 -37.88
N LEU D 170 -0.04 37.53 -39.19
CA LEU D 170 -0.51 38.61 -40.04
C LEU D 170 -1.98 38.50 -40.39
N ILE D 171 -2.49 37.27 -40.49
CA ILE D 171 -3.90 37.10 -40.78
C ILE D 171 -4.58 36.77 -39.45
N TYR D 172 -3.75 36.58 -38.42
CA TYR D 172 -4.22 36.29 -37.08
C TYR D 172 -5.07 35.01 -37.07
N ASP D 173 -4.57 33.95 -37.70
CA ASP D 173 -5.33 32.71 -37.75
C ASP D 173 -4.53 31.56 -38.36
N VAL D 174 -5.01 30.34 -38.17
CA VAL D 174 -4.36 29.17 -38.74
C VAL D 174 -4.51 29.25 -40.26
N ILE D 175 -3.45 28.93 -40.98
CA ILE D 175 -3.51 28.97 -42.44
C ILE D 175 -4.17 27.68 -42.91
N PRO D 176 -5.41 27.79 -43.43
CA PRO D 176 -6.23 26.68 -43.93
C PRO D 176 -5.52 25.57 -44.71
N ASP D 177 -4.66 25.94 -45.65
CA ASP D 177 -3.98 24.92 -46.43
C ASP D 177 -2.47 25.15 -46.47
N GLY D 178 -1.89 25.58 -45.35
CA GLY D 178 -0.46 25.83 -45.31
C GLY D 178 0.34 24.94 -44.39
N ASP D 179 -0.08 23.68 -44.24
CA ASP D 179 0.61 22.74 -43.38
C ASP D 179 2.05 22.53 -43.82
N LYS D 180 2.97 22.57 -42.85
CA LYS D 180 4.39 22.40 -43.11
C LYS D 180 4.86 20.96 -42.83
N THR D 181 5.53 20.36 -43.81
CA THR D 181 6.03 18.99 -43.69
C THR D 181 7.49 18.90 -43.27
N VAL D 182 7.73 18.27 -42.12
CA VAL D 182 9.07 18.09 -41.59
C VAL D 182 9.62 16.73 -42.04
N VAL D 183 10.77 16.73 -42.70
CA VAL D 183 11.38 15.48 -43.18
C VAL D 183 12.68 15.13 -42.47
N PRO D 185 14.50 15.44 -39.77
CA PRO D 185 15.53 16.33 -39.22
C PRO D 185 16.43 15.73 -38.14
N ASP D 186 17.69 16.18 -38.08
CA ASP D 186 18.61 15.70 -37.06
C ASP D 186 18.16 16.32 -35.75
N ILE D 187 17.72 17.57 -35.84
CA ILE D 187 17.28 18.33 -34.68
C ILE D 187 15.99 19.08 -34.99
N LEU D 188 15.08 19.07 -34.03
CA LEU D 188 13.84 19.81 -34.18
C LEU D 188 13.70 20.75 -33.00
N ILE D 189 13.53 22.03 -33.29
CA ILE D 189 13.34 23.03 -32.25
C ILE D 189 11.84 23.32 -32.21
N LEU D 190 11.22 23.06 -31.07
CA LEU D 190 9.79 23.29 -30.87
C LEU D 190 9.64 24.50 -29.96
N GLU D 191 9.13 25.58 -30.53
CA GLU D 191 8.97 26.84 -29.81
C GLU D 191 7.50 27.15 -29.50
N GLY D 192 7.21 27.42 -28.23
CA GLY D 192 5.84 27.72 -27.83
C GLY D 192 5.73 27.95 -26.34
N LEU D 193 4.81 28.83 -25.94
CA LEU D 193 4.62 29.15 -24.53
C LEU D 193 4.13 27.97 -23.71
N ASN D 194 3.58 26.96 -24.38
CA ASN D 194 3.01 25.80 -23.68
C ASN D 194 3.77 24.47 -23.76
N VAL D 195 5.02 24.49 -24.23
CA VAL D 195 5.77 23.24 -24.36
C VAL D 195 6.09 22.51 -23.05
N LEU D 196 5.96 23.20 -21.92
CA LEU D 196 6.24 22.57 -20.63
C LEU D 196 4.96 22.21 -19.88
N GLN D 197 3.82 22.58 -20.44
CA GLN D 197 2.54 22.27 -19.80
C GLN D 197 2.24 20.78 -19.91
N SER D 198 1.24 20.33 -19.17
CA SER D 198 0.88 18.91 -19.17
C SER D 198 -0.62 18.69 -19.00
N GLY D 199 -0.98 17.46 -18.65
CA GLY D 199 -2.38 17.12 -18.47
C GLY D 199 -3.14 17.99 -17.48
N MET D 200 -2.48 18.37 -16.39
CA MET D 200 -3.13 19.19 -15.38
C MET D 200 -3.60 20.53 -15.93
N ASP D 201 -3.01 20.96 -17.04
CA ASP D 201 -3.38 22.23 -17.65
C ASP D 201 -4.58 22.09 -18.58
N TYR D 202 -5.00 20.85 -18.82
CA TYR D 202 -6.14 20.61 -19.72
C TYR D 202 -7.18 19.71 -19.05
N PRO D 203 -7.70 20.14 -17.89
CA PRO D 203 -8.70 19.35 -17.17
C PRO D 203 -9.95 19.11 -18.00
N HIS D 204 -10.21 20.00 -18.94
CA HIS D 204 -11.38 19.90 -19.80
C HIS D 204 -11.24 18.79 -20.84
N ASP D 205 -10.00 18.42 -21.14
CA ASP D 205 -9.71 17.39 -22.14
C ASP D 205 -8.29 16.89 -21.88
N PRO D 206 -8.10 16.10 -20.80
CA PRO D 206 -6.80 15.55 -20.38
C PRO D 206 -6.02 14.58 -21.26
N HIS D 207 -4.71 14.77 -21.29
CA HIS D 207 -3.81 13.87 -22.01
C HIS D 207 -2.88 13.31 -20.93
N HIS D 208 -2.42 12.08 -21.12
CA HIS D 208 -1.59 11.43 -20.11
C HIS D 208 -0.11 11.27 -20.41
N VAL D 209 0.29 11.67 -21.60
CA VAL D 209 1.69 11.64 -22.00
C VAL D 209 1.89 13.06 -22.49
N PHE D 210 2.87 13.76 -21.93
CA PHE D 210 3.08 15.16 -22.25
C PHE D 210 4.11 15.45 -23.34
N VAL D 211 4.08 16.68 -23.84
CA VAL D 211 5.02 17.13 -24.85
C VAL D 211 6.44 16.89 -24.34
N SER D 212 6.68 17.25 -23.08
CA SER D 212 7.99 17.09 -22.48
C SER D 212 8.48 15.64 -22.49
N ASP D 213 7.55 14.69 -22.54
CA ASP D 213 7.92 13.27 -22.58
C ASP D 213 8.55 12.88 -23.91
N PHE D 214 8.50 13.81 -24.88
CA PHE D 214 9.07 13.57 -26.19
C PHE D 214 10.09 14.66 -26.53
N VAL D 215 10.55 15.38 -25.51
CA VAL D 215 11.52 16.45 -25.71
C VAL D 215 12.81 16.10 -24.95
N ASP D 216 13.94 16.22 -25.64
CA ASP D 216 15.22 15.91 -25.02
C ASP D 216 15.75 17.03 -24.14
N PHE D 217 15.66 18.27 -24.61
CA PHE D 217 16.16 19.41 -23.84
C PHE D 217 15.16 20.55 -23.90
N SER D 218 14.86 21.16 -22.76
CA SER D 218 13.91 22.28 -22.76
C SER D 218 14.53 23.53 -22.17
N ILE D 219 14.21 24.67 -22.79
CA ILE D 219 14.70 25.98 -22.36
C ILE D 219 13.51 26.89 -22.06
N TYR D 220 13.60 27.60 -20.93
CA TYR D 220 12.54 28.53 -20.59
C TYR D 220 13.15 29.94 -20.61
N VAL D 221 12.69 30.79 -21.53
CA VAL D 221 13.22 32.15 -21.62
C VAL D 221 12.41 32.95 -20.59
N ASP D 222 13.11 33.59 -19.67
CA ASP D 222 12.48 34.33 -18.59
C ASP D 222 12.81 35.82 -18.55
N ALA D 223 11.84 36.61 -18.10
CA ALA D 223 12.02 38.06 -17.98
C ALA D 223 10.92 38.68 -17.11
N PRO D 224 11.21 39.83 -16.49
CA PRO D 224 10.25 40.53 -15.64
C PRO D 224 9.02 41.02 -16.42
N GLU D 225 7.90 41.14 -15.71
CA GLU D 225 6.65 41.58 -16.32
C GLU D 225 6.78 42.96 -16.97
N ASP D 226 7.49 43.89 -16.31
CA ASP D 226 7.67 45.23 -16.84
C ASP D 226 8.40 45.25 -18.19
N LEU D 227 9.38 44.37 -18.36
CA LEU D 227 10.12 44.31 -19.62
C LEU D 227 9.28 43.62 -20.68
N LEU D 228 8.57 42.58 -20.28
CA LEU D 228 7.72 41.83 -21.19
C LEU D 228 6.65 42.75 -21.81
N GLN D 229 6.08 43.61 -20.97
CA GLN D 229 5.05 44.53 -21.43
C GLN D 229 5.61 45.48 -22.48
N THR D 230 6.77 46.05 -22.20
CA THR D 230 7.43 46.96 -23.13
C THR D 230 7.73 46.28 -24.46
N TRP D 231 8.30 45.08 -24.41
CA TRP D 231 8.63 44.33 -25.62
C TRP D 231 7.38 43.98 -26.42
N TYR D 232 6.31 43.61 -25.71
CA TYR D 232 5.05 43.27 -26.35
C TYR D 232 4.51 44.48 -27.10
N ILE D 233 4.42 45.61 -26.40
CA ILE D 233 3.89 46.84 -26.98
C ILE D 233 4.71 47.30 -28.19
N ASN D 234 6.04 47.34 -28.03
CA ASN D 234 6.89 47.78 -29.15
C ASN D 234 6.75 46.84 -30.35
N ARG D 235 6.54 45.55 -30.11
CA ARG D 235 6.37 44.62 -31.22
C ARG D 235 5.03 44.92 -31.88
N PHE D 236 4.03 45.23 -31.05
CA PHE D 236 2.70 45.56 -31.53
C PHE D 236 2.78 46.77 -32.45
N LEU D 237 3.45 47.82 -31.98
CA LEU D 237 3.58 49.04 -32.77
C LEU D 237 4.22 48.79 -34.13
N LYS D 238 5.28 48.00 -34.16
CA LYS D 238 5.92 47.72 -35.43
C LYS D 238 4.93 46.98 -36.32
N PHE D 239 4.09 46.14 -35.71
CA PHE D 239 3.08 45.40 -36.45
C PHE D 239 2.03 46.35 -37.03
N ARG D 240 1.66 47.38 -36.25
CA ARG D 240 0.69 48.35 -36.73
C ARG D 240 1.30 49.15 -37.87
N GLU D 241 2.51 49.65 -37.66
CA GLU D 241 3.18 50.43 -38.70
C GLU D 241 3.23 49.65 -39.99
N GLY D 242 3.61 48.38 -39.90
CA GLY D 242 3.71 47.54 -41.08
C GLY D 242 2.40 47.34 -41.81
N ALA D 243 1.28 47.61 -41.16
CA ALA D 243 -0.02 47.41 -41.78
C ALA D 243 -0.71 48.65 -42.33
N PHE D 244 -0.05 49.81 -42.20
CA PHE D 244 -0.63 51.07 -42.68
C PHE D 244 -1.22 51.02 -44.09
N THR D 245 -0.51 50.39 -45.00
CA THR D 245 -0.99 50.32 -46.38
C THR D 245 -1.48 48.93 -46.80
N ASP D 246 -1.68 48.05 -45.81
CA ASP D 246 -2.14 46.70 -46.11
C ASP D 246 -3.53 46.41 -45.56
N PRO D 247 -4.58 46.69 -46.35
CA PRO D 247 -5.96 46.45 -45.93
C PRO D 247 -6.24 44.96 -45.75
N ASP D 248 -5.26 44.14 -46.11
CA ASP D 248 -5.39 42.68 -45.99
C ASP D 248 -4.61 42.20 -44.77
N SER D 249 -4.41 43.10 -43.80
CA SER D 249 -3.69 42.77 -42.58
C SER D 249 -4.60 42.87 -41.37
N TYR D 250 -4.37 42.01 -40.38
CA TYR D 250 -5.15 42.02 -39.16
C TYR D 250 -4.86 43.32 -38.40
N PHE D 251 -3.60 43.74 -38.44
CA PHE D 251 -3.19 44.95 -37.75
C PHE D 251 -3.59 46.25 -38.42
N HIS D 252 -4.27 46.17 -39.55
CA HIS D 252 -4.70 47.39 -40.21
C HIS D 252 -5.78 48.01 -39.32
N ASN D 253 -6.57 47.15 -38.68
CA ASN D 253 -7.63 47.59 -37.78
C ASN D 253 -7.09 48.61 -36.76
N TYR D 254 -5.84 48.43 -36.36
CA TYR D 254 -5.24 49.34 -35.38
C TYR D 254 -4.67 50.62 -35.97
N ALA D 255 -4.54 50.66 -37.29
CA ALA D 255 -4.03 51.84 -37.99
C ALA D 255 -5.04 52.98 -37.89
N LYS D 256 -6.30 52.61 -37.64
CA LYS D 256 -7.39 53.55 -37.50
C LYS D 256 -7.33 54.27 -36.15
N LEU D 257 -6.57 53.72 -35.21
CA LEU D 257 -6.46 54.34 -33.90
C LEU D 257 -5.25 55.26 -33.83
N THR D 258 -5.32 56.29 -33.00
CA THR D 258 -4.17 57.18 -32.86
C THR D 258 -3.10 56.33 -32.19
N LYS D 259 -1.83 56.66 -32.41
CA LYS D 259 -0.78 55.88 -31.80
C LYS D 259 -1.02 55.73 -30.30
N GLU D 260 -1.37 56.83 -29.64
CA GLU D 260 -1.62 56.83 -28.20
C GLU D 260 -2.67 55.81 -27.77
N GLU D 261 -3.80 55.77 -28.47
CA GLU D 261 -4.81 54.81 -28.09
C GLU D 261 -4.42 53.41 -28.50
N ALA D 262 -3.60 53.32 -29.55
CA ALA D 262 -3.11 52.04 -30.06
C ALA D 262 -2.23 51.40 -29.00
N ILE D 263 -1.47 52.24 -28.29
CA ILE D 263 -0.59 51.75 -27.23
C ILE D 263 -1.42 51.23 -26.05
N LYS D 264 -2.45 51.99 -25.67
CA LYS D 264 -3.31 51.57 -24.56
C LYS D 264 -4.03 50.29 -24.92
N THR D 265 -4.43 50.16 -26.18
CA THR D 265 -5.10 48.95 -26.64
C THR D 265 -4.13 47.77 -26.48
N ALA D 266 -2.91 47.96 -26.98
CA ALA D 266 -1.88 46.93 -26.89
C ALA D 266 -1.63 46.57 -25.43
N MET D 267 -1.51 47.60 -24.60
CA MET D 267 -1.26 47.41 -23.19
C MET D 267 -2.37 46.55 -22.56
N THR D 268 -3.60 46.72 -23.05
CA THR D 268 -4.74 45.98 -22.53
C THR D 268 -4.71 44.52 -22.95
N LEU D 269 -4.28 44.26 -24.18
CA LEU D 269 -4.18 42.89 -24.66
C LEU D 269 -3.14 42.21 -23.75
N TRP D 270 -2.08 42.94 -23.43
CA TRP D 270 -1.04 42.39 -22.57
C TRP D 270 -1.56 41.98 -21.21
N LYS D 271 -1.99 42.97 -20.43
CA LYS D 271 -2.50 42.74 -19.09
C LYS D 271 -3.64 41.74 -18.94
N GLU D 272 -4.70 41.91 -19.72
CA GLU D 272 -5.88 41.03 -19.60
C GLU D 272 -5.79 39.66 -20.26
N ILE D 273 -4.89 39.51 -21.23
CA ILE D 273 -4.77 38.22 -21.90
C ILE D 273 -3.40 37.53 -21.72
N ASN D 274 -2.35 38.12 -22.29
CA ASN D 274 -1.02 37.50 -22.19
C ASN D 274 -0.40 37.42 -20.82
N TRP D 275 -0.53 38.48 -20.03
CA TRP D 275 0.04 38.48 -18.69
C TRP D 275 -0.72 37.53 -17.77
N LEU D 276 -2.04 37.47 -17.95
CA LEU D 276 -2.87 36.60 -17.14
C LEU D 276 -2.47 35.17 -17.47
N ASN D 277 -2.25 34.92 -18.76
CA ASN D 277 -1.86 33.61 -19.22
C ASN D 277 -0.51 33.23 -18.63
N LEU D 278 0.39 34.21 -18.53
CA LEU D 278 1.71 33.98 -17.98
C LEU D 278 1.63 33.53 -16.53
N LYS D 279 0.87 34.27 -15.72
CA LYS D 279 0.70 33.96 -14.30
C LYS D 279 -0.02 32.65 -14.01
N GLN D 280 -1.11 32.39 -14.72
CA GLN D 280 -1.88 31.19 -14.48
C GLN D 280 -1.40 29.91 -15.16
N ASN D 281 -0.79 30.03 -16.33
CA ASN D 281 -0.38 28.84 -17.07
C ASN D 281 1.07 28.67 -17.51
N ILE D 282 1.76 29.77 -17.77
CA ILE D 282 3.12 29.66 -18.27
C ILE D 282 4.21 29.67 -17.20
N LEU D 283 4.24 30.71 -16.38
CA LEU D 283 5.25 30.82 -15.34
C LEU D 283 5.38 29.61 -14.42
N PRO D 284 4.25 28.95 -14.08
CA PRO D 284 4.32 27.79 -13.20
C PRO D 284 5.08 26.59 -13.77
N THR D 285 5.26 26.55 -15.09
CA THR D 285 5.98 25.45 -15.73
C THR D 285 7.47 25.69 -15.81
N ARG D 286 7.91 26.88 -15.41
CA ARG D 286 9.33 27.22 -15.49
C ARG D 286 10.32 26.24 -14.88
N GLU D 287 10.03 25.72 -13.69
CA GLU D 287 10.96 24.80 -13.04
C GLU D 287 11.02 23.41 -13.66
N ARG D 288 10.29 23.19 -14.74
CA ARG D 288 10.32 21.90 -15.42
C ARG D 288 11.34 21.95 -16.57
N ALA D 289 11.90 23.14 -16.82
CA ALA D 289 12.87 23.30 -17.91
C ALA D 289 14.27 22.80 -17.57
N SER D 290 14.99 22.37 -18.60
CA SER D 290 16.35 21.89 -18.42
C SER D 290 17.22 23.10 -18.15
N LEU D 291 16.91 24.20 -18.83
CA LEU D 291 17.68 25.44 -18.68
C LEU D 291 16.80 26.67 -18.69
N ILE D 292 17.10 27.59 -17.78
CA ILE D 292 16.36 28.84 -17.68
C ILE D 292 17.27 29.99 -18.12
N LEU D 293 16.83 30.69 -19.15
CA LEU D 293 17.57 31.82 -19.70
C LEU D 293 16.82 33.09 -19.27
N THR D 294 17.42 33.86 -18.35
CA THR D 294 16.80 35.09 -17.84
C THR D 294 17.32 36.36 -18.51
N LYS D 295 16.43 37.06 -19.19
CA LYS D 295 16.79 38.30 -19.88
C LYS D 295 16.45 39.54 -19.06
N SER D 296 17.10 40.65 -19.37
CA SER D 296 16.86 41.91 -18.68
C SER D 296 16.81 43.01 -19.73
N ALA D 297 16.97 44.26 -19.30
CA ALA D 297 16.92 45.41 -20.20
C ALA D 297 17.57 45.20 -21.57
N ASN D 298 16.91 45.64 -22.63
CA ASN D 298 17.45 45.52 -23.98
C ASN D 298 17.68 44.07 -24.39
N HIS D 299 16.99 43.15 -23.71
CA HIS D 299 17.09 41.72 -24.00
C HIS D 299 18.41 41.07 -23.61
N ALA D 300 19.23 41.78 -22.86
CA ALA D 300 20.51 41.24 -22.43
C ALA D 300 20.30 40.12 -21.42
N VAL D 301 20.97 38.98 -21.64
CA VAL D 301 20.84 37.86 -20.72
C VAL D 301 21.68 38.19 -19.49
N GLU D 302 21.10 38.00 -18.30
CA GLU D 302 21.82 38.31 -17.07
C GLU D 302 22.06 37.08 -16.22
N GLU D 303 21.36 35.99 -16.52
CA GLU D 303 21.52 34.76 -15.76
C GLU D 303 21.15 33.52 -16.56
N VAL D 304 21.87 32.44 -16.29
CA VAL D 304 21.62 31.17 -16.94
C VAL D 304 21.63 30.08 -15.89
N ARG D 305 20.54 29.32 -15.83
CA ARG D 305 20.44 28.23 -14.88
C ARG D 305 20.25 26.90 -15.62
N LEU D 306 21.09 25.94 -15.29
CA LEU D 306 21.07 24.62 -15.92
C LEU D 306 20.88 23.51 -14.90
N ARG D 307 19.97 22.59 -15.18
CA ARG D 307 19.72 21.47 -14.27
C ARG D 307 20.99 20.68 -14.01
N LYS D 308 21.26 20.39 -12.75
CA LYS D 308 22.46 19.65 -12.38
C LYS D 308 22.40 18.22 -12.88
O2 PAU E . 2.52 -0.71 -1.55
C1 PAU E . 0.21 0.22 -1.24
C2 PAU E . 1.47 0.02 -2.18
C3 PAU E . 0.72 0.83 0.14
C4 PAU E . -0.68 1.19 -1.99
C5 PAU E . -0.57 -1.24 -0.90
O5' PAU E . 0.28 -2.02 0.00
C6 PAU E . -1.96 -1.05 -0.14
O6' PAU E . -1.97 -0.98 1.19
N PAU E . -3.08 -0.93 -0.84
C8 PAU E . -4.41 -0.65 -0.23
C9 PAU E . -5.38 -1.86 -0.30
C PAU E . -4.70 -3.17 0.19
OXT PAU E . -4.03 -3.98 -0.62
O PAU E . -4.86 -3.40 1.48
PB ADP F . 4.86 -4.80 -5.54
O1B ADP F . 3.65 -4.45 -4.73
O2B ADP F . 4.70 -4.43 -6.98
O3B ADP F . 6.17 -4.24 -4.86
PA ADP F . 5.85 -7.44 -4.86
O1A ADP F . 7.30 -7.09 -5.14
O2A ADP F . 5.51 -7.63 -3.41
O3A ADP F . 4.87 -6.38 -5.47
O5' ADP F . 5.58 -8.69 -5.80
C5' ADP F . 4.26 -9.30 -5.82
C4' ADP F . 4.22 -10.77 -5.42
O4' ADP F . 4.75 -11.62 -6.49
C3' ADP F . 5.04 -11.20 -4.19
O3' ADP F . 4.30 -12.27 -3.56
C2' ADP F . 6.39 -11.59 -4.81
O2' ADP F . 7.11 -12.57 -4.03
C1' ADP F . 6.02 -12.16 -6.18
N9 ADP F . 6.98 -11.79 -7.25
C8 ADP F . 7.28 -10.54 -7.72
N7 ADP F . 8.20 -10.56 -8.69
C5 ADP F . 8.49 -11.87 -8.85
C6 ADP F . 9.40 -12.56 -9.75
N6 ADP F . 10.15 -11.99 -10.62
N1 ADP F . 9.41 -13.93 -9.61
C2 ADP F . 8.62 -14.62 -8.68
N3 ADP F . 7.78 -14.01 -7.85
C4 ADP F . 7.75 -12.66 -7.96
O2 PAU G . 12.20 -29.75 21.33
C1 PAU G . 12.80 -27.90 19.73
C2 PAU G . 13.08 -29.37 20.28
C3 PAU G . 12.70 -26.93 20.98
C4 PAU G . 13.98 -27.59 18.87
C5 PAU G . 11.32 -27.82 18.90
O5' PAU G . 10.23 -28.13 19.81
C6 PAU G . 10.98 -26.38 18.27
O6' PAU G . 10.29 -25.49 18.98
N PAU G . 11.39 -26.09 17.07
C8 PAU G . 10.80 -26.64 15.83
C9 PAU G . 9.66 -25.74 15.28
C PAU G . 8.29 -26.11 15.88
OXT PAU G . 7.88 -27.36 16.02
O PAU G . 7.58 -25.05 16.24
PB ADP H . 10.56 -35.58 21.59
O1B ADP H . 10.34 -34.30 20.87
O2B ADP H . 11.53 -36.48 20.90
O3B ADP H . 10.92 -35.28 23.09
PA ADP H . 8.07 -36.66 22.65
O1A ADP H . 8.68 -37.46 23.76
O2A ADP H . 7.36 -35.39 23.07
O3A ADP H . 9.13 -36.28 21.54
O5' ADP H . 7.17 -37.72 21.88
C5' ADP H . 6.44 -37.30 20.70
C4' ADP H . 4.96 -37.66 20.72
O4' ADP H . 4.75 -39.08 20.67
C3' ADP H . 4.13 -37.22 21.93
O3' ADP H . 2.81 -36.94 21.45
C2' ADP H . 4.27 -38.42 22.87
O2' ADP H . 3.18 -38.55 23.79
C1' ADP H . 4.32 -39.62 21.91
N9 ADP H . 5.27 -40.73 22.31
C8 ADP H . 6.61 -40.67 22.46
N7 ADP H . 7.15 -41.85 22.82
C5 ADP H . 6.09 -42.68 22.90
C6 ADP H . 5.98 -44.11 23.23
N6 ADP H . 6.96 -44.90 23.53
N1 ADP H . 4.69 -44.59 23.20
C2 ADP H . 3.58 -43.82 22.88
N3 ADP H . 3.66 -42.52 22.57
C4 ADP H . 4.91 -42.01 22.59
O2 PAU I . -31.48 1.44 15.82
C1 PAU I . -31.87 -0.06 17.82
C2 PAU I . -32.47 0.82 16.64
C3 PAU I . -30.66 0.75 18.46
C4 PAU I . -33.01 -0.25 18.76
C5 PAU I . -31.25 -1.53 17.27
O5' PAU I . -30.17 -1.28 16.31
C6 PAU I . -30.60 -2.46 18.42
O6' PAU I . -29.31 -2.36 18.70
N PAU I . -31.35 -3.31 19.09
C8 PAU I . -31.82 -4.62 18.58
C9 PAU I . -30.77 -5.74 18.77
C PAU I . -29.78 -5.81 17.58
OXT PAU I . -30.16 -5.68 16.31
O PAU I . -28.52 -6.01 17.96
PB ADP J . -32.93 1.65 9.88
O1B ADP J . -32.74 2.98 10.46
O2B ADP J . -32.79 0.55 10.90
O3B ADP J . -34.27 1.67 9.09
PA ADP J . -31.09 1.67 7.54
O1A ADP J . -31.58 2.96 6.92
O2A ADP J . -29.59 1.53 7.62
O3A ADP J . -31.61 1.62 8.99
O5' ADP J . -31.79 0.57 6.59
C5' ADP J . -31.57 -0.86 6.71
C4' ADP J . -30.59 -1.48 5.65
O4' ADP J . -31.14 -1.43 4.28
C3' ADP J . -29.19 -0.84 5.48
O3' ADP J . -28.24 -1.88 5.18
C2' ADP J . -29.42 0.18 4.35
O2' ADP J . -28.25 0.49 3.59
C1' ADP J . -30.46 -0.50 3.45
N9 ADP J . -31.41 0.50 2.84
C8 ADP J . -32.32 1.29 3.48
N7 ADP J . -33.03 2.06 2.65
C5 ADP J . -32.56 1.75 1.41
C6 ADP J . -32.92 2.23 0.08
N6 ADP J . -33.81 3.11 -0.19
N1 ADP J . -32.20 1.65 -0.95
C2 ADP J . -31.20 0.68 -0.74
N3 ADP J . -30.86 0.23 0.47
C4 ADP J . -31.56 0.78 1.50
O2 PAU K . 2.21 33.26 -29.97
C1 PAU K . -0.15 33.56 -29.09
C2 PAU K . 1.35 33.09 -28.84
C3 PAU K . -0.53 33.20 -30.59
C4 PAU K . -0.97 32.76 -28.11
C5 PAU K . -0.34 35.23 -28.88
O5' PAU K . 0.55 35.94 -29.81
C6 PAU K . -1.82 35.80 -29.19
O6' PAU K . -2.10 36.20 -30.42
N PAU K . -2.74 35.84 -28.25
C8 PAU K . -2.68 36.73 -27.06
C9 PAU K . -3.49 38.04 -27.28
C PAU K . -2.69 39.06 -28.12
OXT PAU K . -1.42 39.37 -27.88
O PAU K . -3.41 39.59 -29.11
PB ADP L . 7.97 35.48 -28.59
O1B ADP L . 6.54 35.87 -28.60
O2B ADP L . 8.43 34.99 -27.25
O3B ADP L . 8.27 34.51 -29.77
PA ADP L . 9.59 37.43 -30.06
O1A ADP L . 10.62 36.42 -30.52
O2A ADP L . 8.69 37.93 -31.14
O3A ADP L . 8.71 36.87 -28.87
O5' ADP L . 10.43 38.55 -29.31
C5' ADP L . 9.77 39.70 -28.69
C4' ADP L . 10.24 41.05 -29.19
O4' ADP L . 11.57 41.38 -28.69
C3' ADP L . 10.34 41.22 -30.70
O3' ADP L . 9.91 42.55 -31.03
C2' ADP L . 11.83 40.91 -30.98
O2' ADP L . 12.34 41.63 -32.11
C1' ADP L . 12.56 41.34 -29.71
N9 ADP L . 13.70 40.41 -29.32
C8 ADP L . 13.61 39.09 -28.99
N7 ADP L . 14.79 38.54 -28.68
C5 ADP L . 15.67 39.56 -28.82
C6 ADP L . 17.10 39.60 -28.63
N6 ADP L . 17.85 38.64 -28.27
N1 ADP L . 17.66 40.85 -28.89
C2 ADP L . 16.92 41.97 -29.27
N3 ADP L . 15.59 41.93 -29.45
C4 ADP L . 15.01 40.73 -29.22
#